data_1K7L
#
_entry.id   1K7L
#
_cell.length_a   95.561
_cell.length_b   121.597
_cell.length_c   121.994
_cell.angle_alpha   90.00
_cell.angle_beta   90.00
_cell.angle_gamma   90.00
#
_symmetry.space_group_name_H-M   'P 21 21 21'
#
loop_
_entity.id
_entity.type
_entity.pdbx_description
1 polymer 'Peroxisome proliferator activated receptor alpha'
2 polymer 'steroid receptor coactivator'
3 non-polymer '2-(1-METHYL-3-OXO-3-PHENYL-PROPYLAMINO)-3-{4-[2-(5-METHYL-2-PHENYL-OXAZOL-4-YL)-ETHOXY]-PHENYL}-PROPIONIC ACID'
4 non-polymer 'YTTRIUM (III) ION'
5 water water
#
loop_
_entity_poly.entity_id
_entity_poly.type
_entity_poly.pdbx_seq_one_letter_code
_entity_poly.pdbx_strand_id
1 'polypeptide(L)'
;MKKGHHHHHHGEHDIEDSETADLKSLAKRIYEAYLKNFNMNKVKARVILSGKASNNPPFVIHDMETLCMAEKTLVAKLVA
NGIQNKEAEVRIFHCCQCTSVETVTELTEFAKAIPGFANLDLNDQVTLLKYGVYEAIFAMLSSVMNKDGMLVAYGNGFIT
REFLKSLRKPFCDIMEPKFDFAMKFNALELDDSDISLFVAAIICCGDRPGLLNVGHIEKMQEGIVHVLRLHLQSNHPDDI
FLFPKLLQKMADLRQLVTEHAQLVQIIKKTESDAALHPLLQEIYRDMY
;
A,C,E,G
2 'polypeptide(L)' HSSLTERHKILHRLLQEGSPS B,D,F,H
#
loop_
_chem_comp.id
_chem_comp.type
_chem_comp.name
_chem_comp.formula
544 non-polymer '2-(1-METHYL-3-OXO-3-PHENYL-PROPYLAMINO)-3-{4-[2-(5-METHYL-2-PHENYL-OXAZOL-4-YL)-ETHOXY]-PHENYL}-PROPIONIC ACID' 'C31 H30 N2 O5'
YT3 non-polymer 'YTTRIUM (III) ION' 'Y 3'
#
# COMPACT_ATOMS: atom_id res chain seq x y z
N ASP A 22 -16.54 -19.10 -9.80
CA ASP A 22 -16.11 -19.98 -8.66
C ASP A 22 -14.63 -20.33 -8.70
N LEU A 23 -14.31 -21.50 -9.22
CA LEU A 23 -12.92 -21.95 -9.34
C LEU A 23 -12.34 -21.28 -10.58
N LYS A 24 -13.18 -20.49 -11.24
CA LYS A 24 -12.79 -19.78 -12.45
C LYS A 24 -11.77 -18.68 -12.14
N SER A 25 -11.82 -18.15 -10.93
CA SER A 25 -10.89 -17.11 -10.51
C SER A 25 -9.54 -17.77 -10.28
N LEU A 26 -9.55 -19.09 -10.30
CA LEU A 26 -8.36 -19.89 -10.12
C LEU A 26 -7.69 -19.94 -11.50
N ALA A 27 -8.46 -20.36 -12.50
CA ALA A 27 -7.98 -20.44 -13.86
C ALA A 27 -7.17 -19.19 -14.22
N LYS A 28 -7.77 -18.02 -14.01
CA LYS A 28 -7.07 -16.77 -14.33
C LYS A 28 -5.88 -16.59 -13.40
N ARG A 29 -6.00 -17.07 -12.18
CA ARG A 29 -4.92 -16.98 -11.21
C ARG A 29 -3.67 -17.63 -11.80
N ILE A 30 -3.78 -18.94 -12.03
CA ILE A 30 -2.71 -19.74 -12.60
C ILE A 30 -2.15 -19.17 -13.90
N TYR A 31 -3.04 -18.68 -14.77
CA TYR A 31 -2.61 -18.12 -16.05
C TYR A 31 -1.76 -16.88 -15.90
N GLU A 32 -2.06 -16.07 -14.89
CA GLU A 32 -1.29 -14.86 -14.65
C GLU A 32 0.12 -15.23 -14.23
N ALA A 33 0.24 -16.21 -13.33
CA ALA A 33 1.54 -16.67 -12.85
C ALA A 33 2.38 -17.17 -14.00
N TYR A 34 1.72 -17.90 -14.91
CA TYR A 34 2.36 -18.48 -16.09
C TYR A 34 2.95 -17.41 -17.00
N LEU A 35 2.12 -16.45 -17.40
CA LEU A 35 2.54 -15.36 -18.28
C LEU A 35 3.71 -14.59 -17.68
N LYS A 36 3.77 -14.54 -16.35
CA LYS A 36 4.81 -13.83 -15.65
C LYS A 36 6.12 -14.62 -15.56
N ASN A 37 6.02 -15.82 -15.00
CA ASN A 37 7.17 -16.69 -14.79
C ASN A 37 7.92 -17.23 -16.02
N PHE A 38 7.34 -17.13 -17.21
CA PHE A 38 8.01 -17.65 -18.39
C PHE A 38 8.34 -16.57 -19.42
N ASN A 39 9.57 -16.59 -19.90
CA ASN A 39 10.03 -15.61 -20.87
C ASN A 39 9.55 -15.88 -22.29
N MET A 40 9.51 -17.16 -22.67
CA MET A 40 9.06 -17.54 -24.00
C MET A 40 7.66 -18.16 -23.87
N ASN A 41 6.81 -17.92 -24.86
CA ASN A 41 5.47 -18.49 -24.83
C ASN A 41 4.98 -18.80 -26.25
N LYS A 42 4.08 -19.77 -26.34
CA LYS A 42 3.51 -20.21 -27.62
C LYS A 42 3.22 -19.06 -28.56
N VAL A 43 2.63 -18.00 -28.03
CA VAL A 43 2.28 -16.83 -28.84
C VAL A 43 3.47 -16.26 -29.62
N LYS A 44 4.58 -15.99 -28.92
CA LYS A 44 5.79 -15.46 -29.56
C LYS A 44 6.41 -16.54 -30.47
N ALA A 45 6.48 -17.75 -29.94
CA ALA A 45 7.05 -18.88 -30.65
C ALA A 45 6.50 -19.03 -32.06
N ARG A 46 5.19 -18.95 -32.19
CA ARG A 46 4.55 -19.10 -33.48
C ARG A 46 4.73 -17.88 -34.39
N VAL A 47 4.90 -16.70 -33.79
CA VAL A 47 5.12 -15.51 -34.61
C VAL A 47 6.53 -15.60 -35.19
N ILE A 48 7.48 -16.01 -34.37
CA ILE A 48 8.86 -16.14 -34.81
C ILE A 48 8.99 -17.21 -35.89
N LEU A 49 8.58 -18.43 -35.54
CA LEU A 49 8.67 -19.58 -36.44
C LEU A 49 7.90 -19.45 -37.74
N SER A 50 7.65 -18.21 -38.16
CA SER A 50 6.94 -17.92 -39.42
C SER A 50 6.14 -16.63 -39.32
N GLY A 51 6.58 -15.59 -40.03
CA GLY A 51 5.84 -14.34 -39.99
C GLY A 51 6.65 -13.05 -40.03
N LYS A 52 7.92 -13.15 -40.41
CA LYS A 52 8.84 -12.00 -40.51
C LYS A 52 8.27 -10.70 -39.93
N ALA A 53 7.36 -10.07 -40.66
CA ALA A 53 6.74 -8.82 -40.23
C ALA A 53 7.75 -7.68 -40.29
N SER A 54 8.21 -7.25 -39.11
CA SER A 54 9.20 -6.18 -39.07
C SER A 54 10.50 -6.80 -39.56
N ASN A 55 11.12 -7.62 -38.71
CA ASN A 55 12.38 -8.28 -39.06
C ASN A 55 12.96 -9.11 -37.91
N ASN A 56 14.00 -9.89 -38.25
CA ASN A 56 14.75 -10.75 -37.34
C ASN A 56 14.51 -12.25 -37.60
N PRO A 57 14.93 -12.75 -38.79
CA PRO A 57 14.80 -14.16 -39.21
C PRO A 57 15.94 -15.00 -38.57
N PRO A 58 15.56 -15.94 -37.68
CA PRO A 58 16.47 -16.83 -36.94
C PRO A 58 17.64 -17.45 -37.70
N PHE A 59 18.80 -17.45 -37.05
CA PHE A 59 20.00 -18.04 -37.62
C PHE A 59 19.77 -19.54 -37.55
N VAL A 60 20.06 -20.23 -38.66
CA VAL A 60 19.85 -21.67 -38.75
C VAL A 60 21.10 -22.50 -38.52
N ILE A 61 21.05 -23.36 -37.50
CA ILE A 61 22.16 -24.26 -37.18
C ILE A 61 21.76 -25.60 -37.80
N HIS A 62 22.28 -25.88 -38.99
CA HIS A 62 21.93 -27.10 -39.69
C HIS A 62 23.11 -28.03 -39.90
N ASP A 63 24.29 -27.58 -39.52
CA ASP A 63 25.49 -28.40 -39.66
C ASP A 63 26.57 -27.95 -38.69
N MET A 64 27.73 -28.58 -38.75
CA MET A 64 28.82 -28.22 -37.86
C MET A 64 29.32 -26.81 -38.02
N GLU A 65 29.47 -26.36 -39.26
CA GLU A 65 29.96 -25.01 -39.50
C GLU A 65 29.05 -24.00 -38.82
N THR A 66 27.77 -23.99 -39.20
CA THR A 66 26.82 -23.06 -38.62
C THR A 66 26.71 -23.20 -37.11
N LEU A 67 26.96 -24.41 -36.59
CA LEU A 67 26.91 -24.62 -35.15
C LEU A 67 28.00 -23.77 -34.49
N CYS A 68 29.22 -23.93 -34.99
CA CYS A 68 30.36 -23.18 -34.49
C CYS A 68 30.14 -21.68 -34.64
N MET A 69 29.53 -21.29 -35.76
CA MET A 69 29.26 -19.87 -35.99
C MET A 69 28.39 -19.35 -34.84
N ALA A 70 27.37 -20.13 -34.47
CA ALA A 70 26.43 -19.75 -33.40
C ALA A 70 27.10 -19.71 -32.03
N GLU A 71 27.92 -20.70 -31.74
CA GLU A 71 28.60 -20.75 -30.46
C GLU A 71 29.57 -19.59 -30.34
N LYS A 72 30.16 -19.21 -31.47
CA LYS A 72 31.12 -18.12 -31.48
C LYS A 72 30.54 -16.87 -30.80
N THR A 73 29.22 -16.71 -30.89
CA THR A 73 28.53 -15.57 -30.29
C THR A 73 27.98 -15.93 -28.93
N LEU A 74 27.48 -17.15 -28.81
CA LEU A 74 26.88 -17.61 -27.58
C LEU A 74 27.84 -17.98 -26.49
N VAL A 75 29.08 -17.53 -26.59
CA VAL A 75 30.02 -17.87 -25.54
C VAL A 75 31.28 -17.07 -25.39
N ALA A 76 32.15 -17.10 -26.39
CA ALA A 76 33.45 -16.46 -26.26
C ALA A 76 33.90 -17.31 -25.07
N LYS A 77 33.18 -18.42 -24.92
CA LYS A 77 33.34 -19.41 -23.85
C LYS A 77 33.35 -20.86 -24.40
N LEU A 78 32.66 -21.11 -25.51
CA LEU A 78 32.62 -22.42 -26.16
C LEU A 78 33.20 -22.27 -27.57
N VAL A 79 33.82 -21.12 -27.81
CA VAL A 79 34.42 -20.81 -29.10
C VAL A 79 35.92 -20.55 -28.98
N ALA A 80 36.36 -20.16 -27.79
CA ALA A 80 37.77 -19.89 -27.54
C ALA A 80 38.17 -20.29 -26.12
N ASN A 81 37.78 -21.49 -25.70
CA ASN A 81 38.10 -21.99 -24.37
C ASN A 81 38.25 -23.51 -24.36
N GLY A 82 38.88 -24.05 -25.40
CA GLY A 82 39.07 -25.49 -25.49
C GLY A 82 37.75 -26.20 -25.78
N ILE A 83 36.65 -25.51 -25.53
CA ILE A 83 35.32 -26.06 -25.77
C ILE A 83 34.91 -25.84 -27.21
N GLN A 84 35.67 -25.03 -27.93
CA GLN A 84 35.39 -24.77 -29.35
C GLN A 84 35.59 -26.06 -30.13
N ASN A 85 36.26 -27.02 -29.48
CA ASN A 85 36.53 -28.33 -30.07
C ASN A 85 36.37 -29.51 -29.08
N LYS A 86 35.26 -29.50 -28.35
CA LYS A 86 34.92 -30.59 -27.43
C LYS A 86 33.77 -31.14 -28.25
N GLU A 87 33.68 -32.45 -28.44
CA GLU A 87 32.61 -32.99 -29.27
C GLU A 87 31.34 -32.14 -29.28
N ALA A 88 30.85 -31.86 -30.49
CA ALA A 88 29.65 -31.06 -30.69
C ALA A 88 28.46 -31.58 -29.89
N GLU A 89 28.36 -32.90 -29.76
CA GLU A 89 27.28 -33.53 -29.02
C GLU A 89 27.23 -33.07 -27.57
N VAL A 90 28.41 -32.90 -26.97
CA VAL A 90 28.52 -32.46 -25.58
C VAL A 90 28.29 -30.96 -25.45
N ARG A 91 28.66 -30.20 -26.47
CA ARG A 91 28.44 -28.76 -26.45
C ARG A 91 26.93 -28.53 -26.45
N ILE A 92 26.24 -29.26 -27.30
CA ILE A 92 24.80 -29.17 -27.42
C ILE A 92 24.14 -29.66 -26.15
N PHE A 93 24.61 -30.79 -25.63
CA PHE A 93 24.06 -31.36 -24.41
C PHE A 93 24.13 -30.32 -23.31
N HIS A 94 25.17 -29.49 -23.36
CA HIS A 94 25.34 -28.45 -22.38
C HIS A 94 24.33 -27.31 -22.53
N CYS A 95 24.10 -26.87 -23.76
CA CYS A 95 23.16 -25.79 -24.00
C CYS A 95 21.75 -26.18 -23.58
N CYS A 96 21.37 -27.42 -23.87
CA CYS A 96 20.05 -27.91 -23.48
C CYS A 96 20.02 -27.96 -21.96
N GLN A 97 21.12 -28.37 -21.36
CA GLN A 97 21.24 -28.45 -19.91
C GLN A 97 20.90 -27.08 -19.32
N CYS A 98 21.45 -26.03 -19.93
CA CYS A 98 21.18 -24.67 -19.46
C CYS A 98 19.69 -24.37 -19.51
N THR A 99 19.05 -24.67 -20.64
CA THR A 99 17.63 -24.41 -20.79
C THR A 99 16.81 -25.11 -19.71
N SER A 100 17.22 -26.32 -19.33
CA SER A 100 16.50 -27.06 -18.30
C SER A 100 16.62 -26.33 -16.99
N VAL A 101 17.84 -25.97 -16.62
CA VAL A 101 18.07 -25.29 -15.36
C VAL A 101 17.20 -24.04 -15.21
N GLU A 102 17.21 -23.20 -16.24
CA GLU A 102 16.42 -21.99 -16.21
C GLU A 102 14.93 -22.32 -16.13
N THR A 103 14.49 -23.26 -16.96
CA THR A 103 13.10 -23.65 -16.95
C THR A 103 12.67 -24.29 -15.61
N VAL A 104 13.52 -25.16 -15.06
CA VAL A 104 13.22 -25.77 -13.77
C VAL A 104 13.07 -24.65 -12.75
N THR A 105 13.77 -23.54 -12.98
CA THR A 105 13.73 -22.38 -12.09
C THR A 105 12.42 -21.61 -12.23
N GLU A 106 11.98 -21.39 -13.46
CA GLU A 106 10.75 -20.67 -13.71
C GLU A 106 9.61 -21.56 -13.23
N LEU A 107 9.80 -22.86 -13.39
CA LEU A 107 8.82 -23.86 -13.00
C LEU A 107 8.61 -23.88 -11.49
N THR A 108 9.66 -23.55 -10.74
CA THR A 108 9.55 -23.55 -9.29
C THR A 108 8.68 -22.37 -8.83
N GLU A 109 8.93 -21.19 -9.40
CA GLU A 109 8.15 -20.00 -9.06
C GLU A 109 6.70 -20.18 -9.47
N PHE A 110 6.50 -20.69 -10.67
CA PHE A 110 5.14 -20.94 -11.18
C PHE A 110 4.36 -21.80 -10.18
N ALA A 111 4.97 -22.89 -9.73
CA ALA A 111 4.34 -23.80 -8.79
C ALA A 111 4.01 -23.13 -7.45
N LYS A 112 4.92 -22.28 -6.97
CA LYS A 112 4.69 -21.58 -5.71
C LYS A 112 3.53 -20.59 -5.85
N ALA A 113 3.36 -20.07 -7.06
CA ALA A 113 2.29 -19.12 -7.33
C ALA A 113 0.99 -19.87 -7.55
N ILE A 114 1.00 -21.17 -7.27
CA ILE A 114 -0.19 -21.99 -7.43
C ILE A 114 -0.93 -22.09 -6.10
N PRO A 115 -2.22 -21.71 -6.09
CA PRO A 115 -3.03 -21.78 -4.87
C PRO A 115 -3.01 -23.16 -4.22
N GLY A 116 -2.35 -23.25 -3.06
CA GLY A 116 -2.27 -24.51 -2.34
C GLY A 116 -0.87 -25.09 -2.26
N PHE A 117 -0.12 -24.96 -3.34
CA PHE A 117 1.24 -25.49 -3.42
C PHE A 117 2.13 -25.01 -2.28
N ALA A 118 2.13 -23.70 -2.05
CA ALA A 118 2.95 -23.09 -1.01
C ALA A 118 2.47 -23.41 0.41
N ASN A 119 1.36 -24.12 0.53
CA ASN A 119 0.84 -24.47 1.84
C ASN A 119 1.18 -25.92 2.17
N LEU A 120 1.64 -26.66 1.16
CA LEU A 120 2.02 -28.05 1.35
C LEU A 120 3.38 -28.14 2.04
N ASP A 121 3.71 -29.34 2.50
CA ASP A 121 5.00 -29.57 3.15
C ASP A 121 6.10 -29.42 2.09
N LEU A 122 7.12 -28.61 2.40
CA LEU A 122 8.20 -28.38 1.44
C LEU A 122 8.70 -29.65 0.76
N ASN A 123 8.71 -30.77 1.49
CA ASN A 123 9.19 -32.04 0.95
C ASN A 123 8.24 -32.59 -0.10
N ASP A 124 6.95 -32.26 0.02
CA ASP A 124 5.99 -32.73 -0.96
C ASP A 124 6.14 -31.83 -2.18
N GLN A 125 6.57 -30.61 -1.92
CA GLN A 125 6.78 -29.66 -3.00
C GLN A 125 7.94 -30.17 -3.85
N VAL A 126 9.09 -30.36 -3.21
CA VAL A 126 10.28 -30.83 -3.91
C VAL A 126 10.10 -32.26 -4.42
N THR A 127 8.91 -32.81 -4.25
CA THR A 127 8.60 -34.16 -4.72
C THR A 127 7.76 -34.04 -5.99
N LEU A 128 6.88 -33.05 -6.01
CA LEU A 128 6.04 -32.81 -7.16
C LEU A 128 6.89 -32.20 -8.26
N LEU A 129 7.82 -31.33 -7.86
CA LEU A 129 8.72 -30.69 -8.81
C LEU A 129 9.72 -31.67 -9.40
N LYS A 130 10.10 -32.67 -8.61
CA LYS A 130 11.05 -33.68 -9.05
C LYS A 130 10.53 -34.58 -10.16
N TYR A 131 9.25 -34.95 -10.10
CA TYR A 131 8.64 -35.83 -11.09
C TYR A 131 7.82 -35.16 -12.19
N GLY A 132 7.46 -33.90 -11.99
CA GLY A 132 6.66 -33.21 -13.00
C GLY A 132 7.43 -32.18 -13.80
N VAL A 133 8.58 -31.78 -13.29
CA VAL A 133 9.38 -30.76 -13.96
C VAL A 133 9.71 -31.07 -15.45
N TYR A 134 10.10 -32.32 -15.74
CA TYR A 134 10.43 -32.71 -17.11
C TYR A 134 9.24 -32.95 -18.01
N GLU A 135 8.13 -33.42 -17.42
CA GLU A 135 6.93 -33.65 -18.20
C GLU A 135 6.52 -32.26 -18.71
N ALA A 136 6.67 -31.27 -17.83
CA ALA A 136 6.36 -29.89 -18.14
C ALA A 136 7.27 -29.35 -19.25
N ILE A 137 8.57 -29.57 -19.08
CA ILE A 137 9.56 -29.12 -20.05
C ILE A 137 9.22 -29.53 -21.50
N PHE A 138 9.14 -30.82 -21.74
CA PHE A 138 8.83 -31.30 -23.07
C PHE A 138 7.46 -30.85 -23.60
N ALA A 139 6.57 -30.49 -22.67
CA ALA A 139 5.26 -30.01 -23.05
C ALA A 139 5.45 -28.60 -23.64
N MET A 140 5.96 -27.70 -22.82
CA MET A 140 6.16 -26.32 -23.26
C MET A 140 7.13 -26.18 -24.43
N LEU A 141 8.10 -27.09 -24.51
CA LEU A 141 9.09 -27.06 -25.60
C LEU A 141 8.42 -27.35 -26.95
N SER A 142 7.31 -28.09 -26.93
CA SER A 142 6.60 -28.39 -28.17
C SER A 142 6.21 -27.10 -28.87
N SER A 143 5.96 -26.07 -28.07
CA SER A 143 5.56 -24.75 -28.57
C SER A 143 6.56 -24.20 -29.57
N VAL A 144 7.84 -24.40 -29.28
CA VAL A 144 8.87 -23.87 -30.15
C VAL A 144 9.41 -24.84 -31.19
N MET A 145 8.71 -25.95 -31.36
CA MET A 145 9.14 -26.94 -32.35
C MET A 145 8.21 -26.98 -33.53
N ASN A 146 8.75 -27.47 -34.65
CA ASN A 146 7.95 -27.64 -35.85
C ASN A 146 8.52 -28.91 -36.51
N LYS A 147 7.89 -29.41 -37.56
CA LYS A 147 8.35 -30.65 -38.20
C LYS A 147 9.78 -30.61 -38.70
N ASP A 148 10.34 -29.41 -38.85
CA ASP A 148 11.71 -29.26 -39.38
C ASP A 148 12.80 -28.95 -38.38
N GLY A 149 12.44 -28.49 -37.19
CA GLY A 149 13.45 -28.17 -36.20
C GLY A 149 12.84 -27.38 -35.08
N MET A 150 13.67 -26.65 -34.34
CA MET A 150 13.15 -25.89 -33.22
C MET A 150 13.96 -24.64 -32.92
N LEU A 151 13.29 -23.66 -32.30
CA LEU A 151 13.95 -22.43 -31.93
C LEU A 151 14.88 -22.73 -30.79
N VAL A 152 15.99 -22.00 -30.75
CA VAL A 152 16.97 -22.14 -29.70
C VAL A 152 17.30 -20.70 -29.29
N ALA A 153 17.98 -20.54 -28.16
CA ALA A 153 18.38 -19.24 -27.67
C ALA A 153 17.31 -18.16 -27.76
N TYR A 154 16.24 -18.32 -26.99
CA TYR A 154 15.14 -17.37 -26.93
C TYR A 154 14.53 -16.97 -28.28
N GLY A 155 14.58 -17.88 -29.26
CA GLY A 155 13.99 -17.61 -30.56
C GLY A 155 14.93 -16.96 -31.57
N ASN A 156 16.15 -16.72 -31.16
CA ASN A 156 17.13 -16.10 -32.05
C ASN A 156 17.64 -17.08 -33.10
N GLY A 157 17.87 -18.33 -32.67
CA GLY A 157 18.34 -19.35 -33.57
C GLY A 157 17.28 -20.41 -33.84
N PHE A 158 17.60 -21.36 -34.71
CA PHE A 158 16.71 -22.45 -35.07
C PHE A 158 17.58 -23.63 -35.48
N ILE A 159 17.50 -24.72 -34.73
CA ILE A 159 18.32 -25.88 -35.05
C ILE A 159 17.45 -26.93 -35.75
N THR A 160 17.92 -27.37 -36.90
CA THR A 160 17.18 -28.35 -37.69
C THR A 160 17.06 -29.76 -37.06
N ARG A 161 15.92 -30.36 -37.29
CA ARG A 161 15.57 -31.71 -36.83
C ARG A 161 16.52 -32.71 -37.51
N GLU A 162 16.89 -32.38 -38.75
CA GLU A 162 17.80 -33.21 -39.56
C GLU A 162 19.22 -33.18 -39.02
N PHE A 163 19.72 -32.00 -38.65
CA PHE A 163 21.07 -31.89 -38.10
C PHE A 163 21.19 -32.71 -36.81
N LEU A 164 20.18 -32.68 -35.96
CA LEU A 164 20.20 -33.44 -34.72
C LEU A 164 20.21 -34.96 -34.90
N LYS A 165 19.68 -35.46 -36.01
CA LYS A 165 19.71 -36.90 -36.19
C LYS A 165 21.02 -37.33 -36.89
N SER A 166 21.81 -36.36 -37.32
CA SER A 166 23.09 -36.64 -37.97
C SER A 166 24.24 -36.76 -36.93
N LEU A 167 23.90 -36.62 -35.66
CA LEU A 167 24.87 -36.73 -34.56
C LEU A 167 25.12 -38.22 -34.26
N ARG A 168 26.19 -38.53 -33.53
CA ARG A 168 26.45 -39.92 -33.22
C ARG A 168 25.52 -40.34 -32.08
N LYS A 169 25.28 -41.65 -31.98
CA LYS A 169 24.39 -42.20 -30.95
C LYS A 169 24.94 -42.02 -29.53
N PRO A 170 24.05 -41.86 -28.53
CA PRO A 170 22.60 -41.83 -28.65
C PRO A 170 22.04 -40.41 -28.79
N PHE A 171 22.93 -39.43 -28.86
CA PHE A 171 22.54 -38.03 -29.00
C PHE A 171 21.56 -37.80 -30.15
N CYS A 172 21.72 -38.57 -31.23
CA CYS A 172 20.86 -38.45 -32.41
C CYS A 172 19.50 -39.07 -32.21
N ASP A 173 19.33 -39.74 -31.08
CA ASP A 173 18.09 -40.40 -30.76
C ASP A 173 17.25 -39.69 -29.70
N ILE A 174 17.83 -38.63 -29.14
CA ILE A 174 17.17 -37.88 -28.06
C ILE A 174 15.95 -37.02 -28.39
N MET A 175 16.02 -36.24 -29.48
CA MET A 175 14.93 -35.35 -29.82
C MET A 175 13.84 -35.86 -30.74
N GLU A 176 14.18 -36.83 -31.59
CA GLU A 176 13.20 -37.38 -32.54
C GLU A 176 11.87 -37.70 -31.83
N PRO A 177 11.93 -38.38 -30.67
CA PRO A 177 10.67 -38.70 -29.96
C PRO A 177 9.97 -37.41 -29.50
N LYS A 178 10.74 -36.39 -29.15
CA LYS A 178 10.14 -35.12 -28.71
C LYS A 178 9.47 -34.44 -29.91
N PHE A 179 10.02 -34.62 -31.10
CA PHE A 179 9.44 -34.03 -32.31
C PHE A 179 8.15 -34.74 -32.70
N ASP A 180 8.12 -36.07 -32.54
CA ASP A 180 6.91 -36.81 -32.87
C ASP A 180 5.80 -36.43 -31.90
N PHE A 181 6.13 -36.33 -30.62
CA PHE A 181 5.15 -35.93 -29.62
C PHE A 181 4.65 -34.50 -29.84
N ALA A 182 5.58 -33.60 -30.15
CA ALA A 182 5.24 -32.20 -30.37
C ALA A 182 4.34 -32.00 -31.59
N MET A 183 4.53 -32.81 -32.62
CA MET A 183 3.71 -32.68 -33.83
C MET A 183 2.25 -33.06 -33.56
N LYS A 184 2.06 -34.12 -32.77
CA LYS A 184 0.72 -34.58 -32.41
C LYS A 184 0.17 -33.62 -31.35
N PHE A 185 1.05 -33.17 -30.45
CA PHE A 185 0.62 -32.27 -29.39
C PHE A 185 0.26 -30.89 -29.91
N ASN A 186 0.97 -30.39 -30.91
CA ASN A 186 0.67 -29.07 -31.43
C ASN A 186 -0.59 -29.07 -32.29
N ALA A 187 -0.99 -30.24 -32.78
CA ALA A 187 -2.20 -30.34 -33.59
C ALA A 187 -3.41 -29.98 -32.75
N LEU A 188 -3.33 -30.22 -31.45
CA LEU A 188 -4.45 -29.90 -30.56
C LEU A 188 -4.64 -28.39 -30.49
N GLU A 189 -3.69 -27.67 -31.09
CA GLU A 189 -3.72 -26.20 -31.12
C GLU A 189 -4.06 -25.48 -29.82
N LEU A 190 -3.56 -25.98 -28.70
CA LEU A 190 -3.81 -25.34 -27.42
C LEU A 190 -3.15 -23.97 -27.47
N ASP A 191 -3.61 -23.04 -26.63
CA ASP A 191 -2.99 -21.73 -26.58
C ASP A 191 -2.34 -21.64 -25.20
N ASP A 192 -1.77 -20.48 -24.87
CA ASP A 192 -1.10 -20.32 -23.59
C ASP A 192 -1.98 -20.58 -22.38
N SER A 193 -3.21 -20.12 -22.41
CA SER A 193 -4.09 -20.35 -21.27
C SER A 193 -4.32 -21.83 -21.02
N ASP A 194 -4.50 -22.61 -22.08
CA ASP A 194 -4.70 -24.05 -21.91
C ASP A 194 -3.47 -24.65 -21.27
N ILE A 195 -2.32 -24.27 -21.82
CA ILE A 195 -1.03 -24.77 -21.35
C ILE A 195 -0.71 -24.47 -19.88
N SER A 196 -1.11 -23.30 -19.40
CA SER A 196 -0.85 -22.96 -18.00
C SER A 196 -1.57 -23.96 -17.10
N LEU A 197 -2.85 -24.19 -17.37
CA LEU A 197 -3.63 -25.15 -16.56
C LEU A 197 -3.09 -26.57 -16.75
N PHE A 198 -2.79 -26.92 -17.99
CA PHE A 198 -2.25 -28.24 -18.28
C PHE A 198 -0.97 -28.45 -17.49
N VAL A 199 -0.06 -27.48 -17.54
CA VAL A 199 1.18 -27.60 -16.81
C VAL A 199 0.96 -27.70 -15.30
N ALA A 200 -0.02 -26.96 -14.78
CA ALA A 200 -0.30 -27.00 -13.35
C ALA A 200 -0.83 -28.40 -13.03
N ALA A 201 -1.65 -28.93 -13.94
CA ALA A 201 -2.20 -30.26 -13.76
C ALA A 201 -1.09 -31.31 -13.73
N ILE A 202 -0.06 -31.14 -14.57
CA ILE A 202 1.02 -32.12 -14.59
C ILE A 202 1.85 -32.02 -13.32
N ILE A 203 2.10 -30.80 -12.85
CA ILE A 203 2.88 -30.59 -11.66
C ILE A 203 2.17 -31.02 -10.37
N CYS A 204 0.87 -30.73 -10.26
CA CYS A 204 0.11 -31.12 -9.08
C CYS A 204 -0.50 -32.51 -9.26
N CYS A 205 0.36 -33.50 -9.47
CA CYS A 205 -0.05 -34.88 -9.66
C CYS A 205 0.01 -35.60 -8.32
N GLY A 206 -1.16 -36.02 -7.83
CA GLY A 206 -1.22 -36.69 -6.55
C GLY A 206 -0.99 -38.18 -6.66
N ASP A 207 -0.05 -38.56 -7.50
CA ASP A 207 0.27 -39.98 -7.70
C ASP A 207 1.78 -40.18 -7.71
N ARG A 208 2.50 -39.12 -7.35
CA ARG A 208 3.96 -39.14 -7.31
C ARG A 208 4.47 -39.99 -6.15
N PRO A 209 5.69 -40.54 -6.30
CA PRO A 209 6.33 -41.38 -5.29
C PRO A 209 6.90 -40.57 -4.13
N GLY A 210 6.84 -41.14 -2.93
CA GLY A 210 7.36 -40.48 -1.75
C GLY A 210 6.51 -39.34 -1.24
N LEU A 211 5.32 -39.20 -1.81
CA LEU A 211 4.41 -38.13 -1.39
C LEU A 211 3.89 -38.36 0.02
N LEU A 212 4.14 -37.39 0.90
CA LEU A 212 3.71 -37.47 2.28
C LEU A 212 2.21 -37.26 2.43
N ASN A 213 1.80 -36.00 2.29
CA ASN A 213 0.41 -35.59 2.41
C ASN A 213 -0.40 -35.85 1.14
N VAL A 214 -0.45 -37.11 0.72
CA VAL A 214 -1.17 -37.51 -0.49
C VAL A 214 -2.58 -36.91 -0.58
N GLY A 215 -3.37 -37.10 0.48
CA GLY A 215 -4.73 -36.59 0.50
C GLY A 215 -5.00 -35.23 -0.10
N HIS A 216 -4.29 -34.20 0.38
CA HIS A 216 -4.50 -32.85 -0.12
C HIS A 216 -4.08 -32.60 -1.56
N ILE A 217 -2.86 -32.97 -1.90
CA ILE A 217 -2.35 -32.79 -3.25
C ILE A 217 -3.39 -33.29 -4.24
N GLU A 218 -4.03 -34.42 -3.91
CA GLU A 218 -5.06 -34.99 -4.76
C GLU A 218 -6.22 -34.03 -5.01
N LYS A 219 -6.87 -33.56 -3.95
CA LYS A 219 -7.99 -32.64 -4.11
C LYS A 219 -7.54 -31.43 -4.93
N MET A 220 -6.31 -30.97 -4.68
CA MET A 220 -5.75 -29.85 -5.42
C MET A 220 -5.83 -30.19 -6.90
N GLN A 221 -5.43 -31.42 -7.21
CA GLN A 221 -5.42 -31.92 -8.57
C GLN A 221 -6.82 -31.89 -9.16
N GLU A 222 -7.77 -32.47 -8.43
CA GLU A 222 -9.16 -32.50 -8.88
C GLU A 222 -9.61 -31.08 -9.22
N GLY A 223 -9.16 -30.13 -8.42
CA GLY A 223 -9.52 -28.75 -8.65
C GLY A 223 -9.07 -28.22 -9.99
N ILE A 224 -7.76 -28.22 -10.21
CA ILE A 224 -7.20 -27.71 -11.45
C ILE A 224 -7.60 -28.51 -12.69
N VAL A 225 -7.69 -29.83 -12.56
CA VAL A 225 -8.11 -30.64 -13.69
C VAL A 225 -9.52 -30.23 -14.11
N HIS A 226 -10.42 -30.16 -13.12
CA HIS A 226 -11.79 -29.75 -13.35
C HIS A 226 -11.77 -28.42 -14.09
N VAL A 227 -11.11 -27.43 -13.47
CA VAL A 227 -10.99 -26.08 -14.05
C VAL A 227 -10.55 -26.18 -15.51
N LEU A 228 -9.57 -27.02 -15.77
CA LEU A 228 -9.02 -27.24 -17.11
C LEU A 228 -10.12 -27.81 -18.01
N ARG A 229 -10.79 -28.85 -17.54
CA ARG A 229 -11.86 -29.49 -18.30
C ARG A 229 -12.85 -28.42 -18.74
N LEU A 230 -13.35 -27.65 -17.78
CA LEU A 230 -14.30 -26.59 -18.07
C LEU A 230 -13.72 -25.54 -19.01
N HIS A 231 -12.44 -25.22 -18.83
CA HIS A 231 -11.75 -24.21 -19.66
C HIS A 231 -11.70 -24.63 -21.12
N LEU A 232 -11.21 -25.84 -21.37
CA LEU A 232 -11.14 -26.36 -22.72
C LEU A 232 -12.55 -26.45 -23.31
N GLN A 233 -13.50 -26.88 -22.48
CA GLN A 233 -14.90 -27.02 -22.90
C GLN A 233 -15.47 -25.74 -23.51
N SER A 234 -15.07 -24.60 -22.97
CA SER A 234 -15.55 -23.32 -23.47
C SER A 234 -14.58 -22.68 -24.47
N ASN A 235 -13.28 -22.83 -24.22
CA ASN A 235 -12.25 -22.26 -25.09
C ASN A 235 -12.19 -22.98 -26.44
N HIS A 236 -12.27 -24.31 -26.39
CA HIS A 236 -12.24 -25.15 -27.59
C HIS A 236 -13.52 -26.00 -27.55
N PRO A 237 -14.66 -25.39 -27.88
CA PRO A 237 -15.94 -26.13 -27.86
C PRO A 237 -16.04 -27.24 -28.90
N ASP A 238 -15.31 -27.08 -29.99
CA ASP A 238 -15.36 -28.03 -31.11
C ASP A 238 -14.39 -29.20 -31.07
N ASP A 239 -13.35 -29.14 -30.22
CA ASP A 239 -12.40 -30.23 -30.17
C ASP A 239 -12.95 -31.33 -29.28
N ILE A 240 -14.18 -31.13 -28.86
CA ILE A 240 -14.93 -32.08 -28.09
C ILE A 240 -14.19 -33.00 -27.09
N PHE A 241 -13.48 -34.03 -27.58
CA PHE A 241 -12.77 -34.96 -26.70
C PHE A 241 -11.32 -34.51 -26.46
N LEU A 242 -11.10 -33.20 -26.34
CA LEU A 242 -9.77 -32.65 -26.13
C LEU A 242 -9.30 -32.91 -24.70
N PHE A 243 -10.22 -32.79 -23.74
CA PHE A 243 -9.82 -33.04 -22.38
C PHE A 243 -9.24 -34.44 -22.28
N PRO A 244 -9.96 -35.47 -22.79
CA PRO A 244 -9.42 -36.83 -22.71
C PRO A 244 -8.13 -37.01 -23.53
N LYS A 245 -8.01 -36.27 -24.63
CA LYS A 245 -6.81 -36.34 -25.46
C LYS A 245 -5.62 -35.92 -24.60
N LEU A 246 -5.76 -34.79 -23.90
CA LEU A 246 -4.71 -34.26 -23.03
C LEU A 246 -4.36 -35.21 -21.89
N LEU A 247 -5.36 -35.88 -21.35
CA LEU A 247 -5.16 -36.84 -20.26
C LEU A 247 -4.21 -37.91 -20.75
N GLN A 248 -4.42 -38.34 -21.99
CA GLN A 248 -3.59 -39.36 -22.62
C GLN A 248 -2.17 -38.81 -22.81
N LYS A 249 -2.09 -37.53 -23.18
CA LYS A 249 -0.80 -36.90 -23.43
C LYS A 249 -0.01 -36.71 -22.15
N MET A 250 -0.71 -36.73 -21.02
CA MET A 250 -0.03 -36.64 -19.74
C MET A 250 0.74 -37.95 -19.59
N ALA A 251 0.05 -39.07 -19.84
CA ALA A 251 0.67 -40.38 -19.74
C ALA A 251 1.79 -40.50 -20.77
N ASP A 252 1.58 -39.94 -21.95
CA ASP A 252 2.60 -39.95 -23.00
C ASP A 252 3.85 -39.23 -22.53
N LEU A 253 3.67 -38.03 -21.98
CA LEU A 253 4.81 -37.24 -21.47
C LEU A 253 5.58 -38.01 -20.41
N ARG A 254 4.84 -38.76 -19.61
CA ARG A 254 5.42 -39.57 -18.54
C ARG A 254 6.38 -40.60 -19.12
N GLN A 255 5.94 -41.28 -20.18
CA GLN A 255 6.80 -42.28 -20.79
C GLN A 255 7.97 -41.65 -21.51
N LEU A 256 7.73 -40.50 -22.13
CA LEU A 256 8.77 -39.77 -22.83
C LEU A 256 9.89 -39.46 -21.85
N VAL A 257 9.49 -39.01 -20.66
CA VAL A 257 10.44 -38.67 -19.63
C VAL A 257 11.25 -39.89 -19.26
N THR A 258 10.55 -40.99 -19.02
CA THR A 258 11.19 -42.23 -18.67
C THR A 258 12.28 -42.51 -19.71
N GLU A 259 11.87 -42.61 -20.98
CA GLU A 259 12.81 -42.87 -22.07
C GLU A 259 13.98 -41.88 -22.11
N HIS A 260 13.67 -40.60 -21.92
CA HIS A 260 14.71 -39.57 -21.94
C HIS A 260 15.69 -39.73 -20.80
N ALA A 261 15.17 -40.02 -19.62
CA ALA A 261 16.02 -40.22 -18.44
C ALA A 261 16.97 -41.38 -18.69
N GLN A 262 16.45 -42.45 -19.29
CA GLN A 262 17.24 -43.63 -19.60
C GLN A 262 18.33 -43.26 -20.61
N LEU A 263 17.90 -42.52 -21.63
CA LEU A 263 18.80 -42.05 -22.67
C LEU A 263 19.97 -41.27 -22.06
N VAL A 264 19.70 -40.53 -20.99
CA VAL A 264 20.73 -39.74 -20.34
C VAL A 264 21.64 -40.58 -19.45
N GLN A 265 21.08 -41.52 -18.70
CA GLN A 265 21.89 -42.39 -17.84
C GLN A 265 23.00 -43.04 -18.67
N ILE A 266 22.65 -43.41 -19.91
CA ILE A 266 23.60 -44.01 -20.84
C ILE A 266 24.75 -43.01 -21.00
N ILE A 267 24.47 -41.93 -21.72
CA ILE A 267 25.44 -40.87 -21.96
C ILE A 267 26.26 -40.58 -20.71
N LYS A 268 25.56 -40.25 -19.62
CA LYS A 268 26.18 -39.93 -18.34
C LYS A 268 27.29 -40.89 -17.93
N LYS A 269 27.20 -42.14 -18.39
CA LYS A 269 28.20 -43.14 -18.05
C LYS A 269 28.95 -43.71 -19.26
N THR A 270 28.68 -43.17 -20.45
CA THR A 270 29.35 -43.63 -21.67
C THR A 270 29.71 -42.38 -22.46
N GLU A 271 29.96 -41.31 -21.72
CA GLU A 271 30.29 -40.02 -22.31
C GLU A 271 30.64 -39.08 -21.16
N SER A 272 31.64 -39.49 -20.40
CA SER A 272 32.11 -38.74 -19.24
C SER A 272 32.33 -37.25 -19.44
N ASP A 273 32.35 -36.79 -20.68
CA ASP A 273 32.59 -35.37 -20.94
C ASP A 273 31.37 -34.46 -20.81
N ALA A 274 30.20 -35.08 -20.83
CA ALA A 274 28.96 -34.35 -20.71
C ALA A 274 28.45 -34.49 -19.28
N ALA A 275 28.92 -33.62 -18.38
CA ALA A 275 28.48 -33.67 -16.99
C ALA A 275 27.14 -32.96 -16.86
N LEU A 276 26.41 -33.29 -15.81
CA LEU A 276 25.12 -32.66 -15.57
C LEU A 276 25.16 -31.70 -14.39
N HIS A 277 24.43 -30.59 -14.53
CA HIS A 277 24.33 -29.55 -13.51
C HIS A 277 23.78 -30.18 -12.24
N PRO A 278 24.30 -29.76 -11.08
CA PRO A 278 23.85 -30.28 -9.78
C PRO A 278 22.33 -30.31 -9.63
N LEU A 279 21.68 -29.21 -10.00
CA LEU A 279 20.23 -29.13 -9.88
C LEU A 279 19.58 -30.30 -10.63
N LEU A 280 20.04 -30.51 -11.86
CA LEU A 280 19.51 -31.58 -12.69
C LEU A 280 20.02 -32.92 -12.19
N GLN A 281 21.17 -32.89 -11.53
CA GLN A 281 21.78 -34.09 -11.00
C GLN A 281 20.90 -34.74 -9.94
N GLU A 282 20.31 -33.93 -9.07
CA GLU A 282 19.45 -34.45 -8.01
C GLU A 282 18.03 -34.80 -8.45
N ILE A 283 17.59 -34.23 -9.57
CA ILE A 283 16.26 -34.53 -10.08
C ILE A 283 16.27 -35.93 -10.69
N TYR A 284 17.27 -36.18 -11.53
CA TYR A 284 17.44 -37.49 -12.16
C TYR A 284 17.76 -38.53 -11.10
N ARG A 285 18.59 -38.11 -10.16
CA ARG A 285 19.04 -38.93 -9.03
C ARG A 285 17.88 -39.67 -8.37
N ASP A 286 17.91 -40.99 -8.44
CA ASP A 286 16.85 -41.81 -7.84
C ASP A 286 15.46 -41.43 -8.38
N MET A 287 15.36 -41.27 -9.70
CA MET A 287 14.09 -40.90 -10.33
C MET A 287 13.19 -42.10 -10.66
N TYR A 288 13.58 -42.88 -11.67
CA TYR A 288 12.79 -44.03 -12.08
C TYR A 288 13.54 -45.35 -11.88
N GLU B 6 18.79 -39.03 -2.99
CA GLU B 6 17.82 -37.92 -2.88
C GLU B 6 18.48 -36.57 -2.57
N ARG B 7 18.36 -36.14 -1.32
CA ARG B 7 18.92 -34.87 -0.86
C ARG B 7 18.12 -33.66 -1.34
N HIS B 8 18.29 -33.31 -2.60
CA HIS B 8 17.59 -32.17 -3.21
C HIS B 8 17.90 -30.83 -2.53
N LYS B 9 19.12 -30.68 -2.05
CA LYS B 9 19.57 -29.46 -1.37
C LYS B 9 19.31 -28.19 -2.17
N ILE B 10 19.23 -28.31 -3.49
CA ILE B 10 18.99 -27.15 -4.36
C ILE B 10 17.51 -26.84 -4.55
N LEU B 11 16.69 -27.87 -4.77
CA LEU B 11 15.26 -27.67 -4.94
C LEU B 11 14.65 -26.97 -3.72
N HIS B 12 15.24 -27.21 -2.55
CA HIS B 12 14.80 -26.59 -1.30
C HIS B 12 15.11 -25.09 -1.40
N ARG B 13 16.39 -24.80 -1.59
CA ARG B 13 16.89 -23.44 -1.70
C ARG B 13 16.11 -22.59 -2.70
N LEU B 14 15.46 -23.23 -3.67
CA LEU B 14 14.69 -22.53 -4.69
C LEU B 14 13.20 -22.36 -4.38
N LEU B 15 12.72 -23.07 -3.37
CA LEU B 15 11.32 -22.99 -2.98
C LEU B 15 11.10 -21.90 -1.93
N GLN B 16 12.16 -21.60 -1.19
CA GLN B 16 12.12 -20.58 -0.13
C GLN B 16 11.48 -19.31 -0.67
N GLU B 17 12.21 -18.64 -1.57
CA GLU B 17 11.76 -17.40 -2.18
C GLU B 17 12.54 -17.13 -3.47
N GLY B 18 13.75 -17.68 -3.55
CA GLY B 18 14.58 -17.50 -4.73
C GLY B 18 16.06 -17.70 -4.49
N ASP C 22 -11.63 -1.29 -14.01
CA ASP C 22 -10.93 -1.24 -15.32
C ASP C 22 -9.82 -0.19 -15.32
N LEU C 23 -10.21 1.08 -15.27
CA LEU C 23 -9.21 2.14 -15.23
C LEU C 23 -8.38 1.88 -13.99
N LYS C 24 -8.99 1.18 -13.03
CA LYS C 24 -8.33 0.84 -11.78
C LYS C 24 -7.53 -0.45 -11.97
N SER C 25 -8.05 -1.34 -12.82
CA SER C 25 -7.37 -2.61 -13.08
C SER C 25 -6.00 -2.26 -13.66
N LEU C 26 -5.92 -1.05 -14.23
CA LEU C 26 -4.70 -0.52 -14.81
C LEU C 26 -3.59 -0.64 -13.77
N ALA C 27 -3.91 -0.31 -12.52
CA ALA C 27 -2.95 -0.40 -11.44
C ALA C 27 -2.38 -1.82 -11.40
N LYS C 28 -3.25 -2.80 -11.59
CA LYS C 28 -2.87 -4.21 -11.59
C LYS C 28 -1.93 -4.48 -12.78
N ARG C 29 -2.34 -4.08 -13.98
CA ARG C 29 -1.54 -4.25 -15.18
C ARG C 29 -0.13 -3.70 -14.95
N ILE C 30 -0.06 -2.40 -14.71
CA ILE C 30 1.19 -1.72 -14.49
C ILE C 30 2.03 -2.41 -13.40
N TYR C 31 1.38 -2.80 -12.31
CA TYR C 31 2.09 -3.46 -11.22
C TYR C 31 2.64 -4.80 -11.70
N GLU C 32 1.86 -5.51 -12.50
CA GLU C 32 2.32 -6.80 -13.02
C GLU C 32 3.49 -6.58 -13.99
N ALA C 33 3.32 -5.67 -14.95
CA ALA C 33 4.39 -5.41 -15.91
C ALA C 33 5.67 -5.04 -15.16
N TYR C 34 5.51 -4.30 -14.07
CA TYR C 34 6.65 -3.88 -13.26
C TYR C 34 7.34 -5.08 -12.61
N LEU C 35 6.58 -5.98 -12.00
CA LEU C 35 7.16 -7.15 -11.36
C LEU C 35 7.82 -8.15 -12.34
N LYS C 36 7.30 -8.14 -13.57
CA LYS C 36 7.76 -9.02 -14.62
C LYS C 36 9.06 -8.52 -15.26
N ASN C 37 9.14 -7.21 -15.42
CA ASN C 37 10.28 -6.60 -16.08
C ASN C 37 11.49 -6.18 -15.25
N PHE C 38 11.35 -6.12 -13.94
CA PHE C 38 12.48 -5.72 -13.10
C PHE C 38 12.80 -6.84 -12.12
N ASN C 39 14.07 -7.13 -11.94
CA ASN C 39 14.45 -8.20 -11.04
C ASN C 39 14.55 -7.74 -9.60
N MET C 40 15.40 -6.74 -9.34
CA MET C 40 15.57 -6.24 -7.99
C MET C 40 14.52 -5.19 -7.64
N ASN C 41 13.60 -5.55 -6.74
CA ASN C 41 12.58 -4.61 -6.31
C ASN C 41 12.73 -4.32 -4.82
N LYS C 42 11.96 -3.35 -4.32
CA LYS C 42 12.07 -2.93 -2.94
C LYS C 42 12.00 -3.98 -1.85
N VAL C 43 11.09 -4.94 -1.96
CA VAL C 43 10.96 -5.99 -0.95
C VAL C 43 12.25 -6.81 -0.79
N LYS C 44 12.76 -7.30 -1.90
CA LYS C 44 14.00 -8.08 -1.90
C LYS C 44 15.14 -7.23 -1.33
N ALA C 45 15.15 -5.95 -1.67
CA ALA C 45 16.20 -5.04 -1.20
C ALA C 45 16.12 -4.76 0.28
N ARG C 46 14.92 -4.46 0.78
CA ARG C 46 14.77 -4.19 2.21
C ARG C 46 15.10 -5.45 3.00
N VAL C 47 14.67 -6.59 2.48
CA VAL C 47 14.96 -7.86 3.14
C VAL C 47 16.47 -7.90 3.34
N ILE C 48 17.21 -7.95 2.23
CA ILE C 48 18.66 -8.00 2.28
C ILE C 48 19.25 -6.95 3.24
N LEU C 49 18.91 -5.68 3.01
CA LEU C 49 19.41 -4.59 3.84
C LEU C 49 18.91 -4.68 5.28
N SER C 50 18.25 -5.77 5.64
CA SER C 50 17.73 -5.87 7.00
C SER C 50 17.52 -7.25 7.63
N GLY C 51 16.50 -7.97 7.17
CA GLY C 51 16.15 -9.27 7.73
C GLY C 51 17.14 -10.42 7.88
N LYS C 52 18.33 -10.15 8.40
CA LYS C 52 19.38 -11.17 8.62
C LYS C 52 19.00 -12.60 8.24
N ALA C 53 18.03 -13.14 8.97
CA ALA C 53 17.47 -14.48 8.77
C ALA C 53 18.31 -15.54 8.05
N SER C 54 18.12 -15.66 6.73
CA SER C 54 18.81 -16.67 5.91
C SER C 54 20.22 -16.27 5.45
N ASN C 55 20.60 -15.03 5.75
CA ASN C 55 21.92 -14.52 5.39
C ASN C 55 22.10 -14.10 3.95
N ASN C 56 23.36 -14.09 3.53
CA ASN C 56 23.84 -13.66 2.23
C ASN C 56 23.97 -12.14 2.42
N PRO C 57 24.67 -11.73 3.51
CA PRO C 57 24.90 -10.33 3.87
C PRO C 57 26.01 -9.84 2.94
N PRO C 58 25.64 -8.98 1.99
CA PRO C 58 26.53 -8.40 0.97
C PRO C 58 27.99 -8.14 1.32
N PHE C 59 28.85 -8.49 0.37
CA PHE C 59 30.28 -8.24 0.52
C PHE C 59 30.37 -6.72 0.49
N VAL C 60 31.02 -6.13 1.48
CA VAL C 60 31.16 -4.69 1.57
C VAL C 60 32.36 -4.13 0.77
N ILE C 61 32.12 -3.09 -0.01
CA ILE C 61 33.18 -2.44 -0.76
C ILE C 61 33.36 -1.09 -0.08
N HIS C 62 34.49 -0.92 0.61
CA HIS C 62 34.74 0.31 1.33
C HIS C 62 36.10 0.94 1.05
N ASP C 63 36.86 0.35 0.11
CA ASP C 63 38.17 0.88 -0.24
C ASP C 63 38.71 0.19 -1.50
N MET C 64 39.89 0.61 -1.94
CA MET C 64 40.51 0.03 -3.13
C MET C 64 40.71 -1.47 -2.97
N GLU C 65 41.09 -1.88 -1.78
CA GLU C 65 41.30 -3.30 -1.50
C GLU C 65 40.04 -4.10 -1.84
N THR C 66 38.98 -3.89 -1.07
CA THR C 66 37.74 -4.60 -1.30
C THR C 66 37.13 -4.30 -2.68
N LEU C 67 37.46 -3.16 -3.28
CA LEU C 67 36.92 -2.86 -4.59
C LEU C 67 37.52 -3.82 -5.59
N CYS C 68 38.84 -3.95 -5.54
CA CYS C 68 39.57 -4.87 -6.42
C CYS C 68 39.15 -6.31 -6.18
N MET C 69 38.97 -6.67 -4.91
CA MET C 69 38.56 -8.03 -4.60
C MET C 69 37.25 -8.31 -5.32
N ALA C 70 36.32 -7.36 -5.26
CA ALA C 70 35.01 -7.48 -5.87
C ALA C 70 35.10 -7.65 -7.39
N GLU C 71 36.07 -6.99 -8.01
CA GLU C 71 36.24 -7.11 -9.45
C GLU C 71 36.88 -8.42 -9.84
N LYS C 72 37.68 -9.01 -8.94
CA LYS C 72 38.32 -10.31 -9.24
C LYS C 72 37.19 -11.23 -9.63
N THR C 73 36.04 -10.94 -9.02
CA THR C 73 34.83 -11.73 -9.16
C THR C 73 33.87 -11.33 -10.28
N LEU C 74 33.77 -10.03 -10.52
CA LEU C 74 32.84 -9.51 -11.50
C LEU C 74 33.34 -9.21 -12.88
N VAL C 75 34.03 -10.14 -13.51
CA VAL C 75 34.51 -9.88 -14.85
C VAL C 75 35.71 -10.74 -15.24
N ALA C 76 36.60 -10.99 -14.28
CA ALA C 76 37.78 -11.79 -14.56
C ALA C 76 38.46 -11.13 -15.77
N LYS C 77 38.17 -9.83 -15.92
CA LYS C 77 38.67 -8.99 -17.01
C LYS C 77 39.07 -7.59 -16.50
N LEU C 78 38.57 -7.22 -15.32
CA LEU C 78 38.87 -5.93 -14.68
C LEU C 78 39.68 -6.24 -13.43
N VAL C 79 40.37 -7.38 -13.48
CA VAL C 79 41.21 -7.84 -12.36
C VAL C 79 42.31 -8.77 -12.87
N ALA C 80 42.31 -9.05 -14.17
CA ALA C 80 43.31 -9.93 -14.76
C ALA C 80 43.46 -9.75 -16.28
N ASN C 81 42.82 -8.71 -16.82
CA ASN C 81 42.85 -8.42 -18.26
C ASN C 81 43.20 -6.95 -18.53
N GLY C 82 44.32 -6.49 -17.98
CA GLY C 82 44.73 -5.10 -18.19
C GLY C 82 43.78 -4.09 -17.56
N ILE C 83 42.49 -4.22 -17.85
CA ILE C 83 41.45 -3.33 -17.33
C ILE C 83 41.35 -3.47 -15.81
N GLN C 84 42.37 -4.10 -15.23
CA GLN C 84 42.43 -4.33 -13.78
C GLN C 84 43.09 -3.13 -13.09
N ASN C 85 43.96 -2.43 -13.82
CA ASN C 85 44.62 -1.28 -13.26
C ASN C 85 44.25 0.02 -13.98
N LYS C 86 42.97 0.16 -14.31
CA LYS C 86 42.50 1.39 -14.91
C LYS C 86 42.02 2.05 -13.62
N GLU C 87 42.09 3.38 -13.53
CA GLU C 87 41.67 4.01 -12.30
C GLU C 87 40.32 3.48 -11.80
N ALA C 88 40.23 3.29 -10.48
CA ALA C 88 39.02 2.77 -9.86
C ALA C 88 37.79 3.57 -10.27
N GLU C 89 37.91 4.89 -10.25
CA GLU C 89 36.81 5.80 -10.60
C GLU C 89 36.18 5.45 -11.96
N VAL C 90 36.99 5.03 -12.92
CA VAL C 90 36.51 4.67 -14.25
C VAL C 90 35.92 3.27 -14.26
N ARG C 91 36.39 2.44 -13.34
CA ARG C 91 35.92 1.08 -13.24
C ARG C 91 34.51 1.09 -12.67
N ILE C 92 34.32 1.93 -11.65
CA ILE C 92 33.03 2.11 -11.01
C ILE C 92 32.10 2.74 -12.05
N PHE C 93 32.63 3.71 -12.78
CA PHE C 93 31.85 4.40 -13.82
C PHE C 93 31.34 3.36 -14.80
N HIS C 94 32.19 2.38 -15.08
CA HIS C 94 31.83 1.32 -16.00
C HIS C 94 30.70 0.45 -15.47
N CYS C 95 30.80 0.02 -14.22
CA CYS C 95 29.77 -0.83 -13.63
C CYS C 95 28.40 -0.15 -13.53
N CYS C 96 28.37 1.14 -13.21
CA CYS C 96 27.13 1.86 -13.13
C CYS C 96 26.47 1.91 -14.50
N GLN C 97 27.28 2.03 -15.55
CA GLN C 97 26.75 2.04 -16.93
C GLN C 97 26.06 0.72 -17.21
N CYS C 98 26.67 -0.37 -16.79
CA CYS C 98 26.09 -1.68 -17.04
C CYS C 98 24.69 -1.76 -16.43
N THR C 99 24.54 -1.24 -15.23
CA THR C 99 23.24 -1.25 -14.56
C THR C 99 22.24 -0.39 -15.36
N SER C 100 22.67 0.80 -15.79
CA SER C 100 21.80 1.69 -16.55
C SER C 100 21.33 1.00 -17.82
N VAL C 101 22.27 0.37 -18.52
CA VAL C 101 21.94 -0.33 -19.76
C VAL C 101 20.89 -1.40 -19.46
N GLU C 102 21.08 -2.18 -18.41
CA GLU C 102 20.09 -3.20 -18.06
C GLU C 102 18.76 -2.56 -17.73
N THR C 103 18.78 -1.51 -16.91
CA THR C 103 17.55 -0.85 -16.48
C THR C 103 16.84 -0.08 -17.62
N VAL C 104 17.61 0.54 -18.51
CA VAL C 104 17.01 1.23 -19.64
C VAL C 104 16.24 0.20 -20.45
N THR C 105 16.86 -0.96 -20.66
CA THR C 105 16.25 -2.05 -21.42
C THR C 105 14.97 -2.55 -20.76
N GLU C 106 15.01 -2.84 -19.46
CA GLU C 106 13.83 -3.34 -18.77
C GLU C 106 12.70 -2.29 -18.79
N LEU C 107 13.06 -1.03 -18.57
CA LEU C 107 12.10 0.08 -18.60
C LEU C 107 11.42 0.16 -19.97
N THR C 108 12.14 -0.24 -21.02
CA THR C 108 11.59 -0.22 -22.36
C THR C 108 10.53 -1.31 -22.47
N GLU C 109 10.79 -2.49 -21.90
CA GLU C 109 9.75 -3.51 -21.96
C GLU C 109 8.58 -3.00 -21.11
N PHE C 110 8.90 -2.57 -19.90
CA PHE C 110 7.88 -2.07 -18.98
C PHE C 110 6.96 -1.05 -19.68
N ALA C 111 7.56 -0.11 -20.39
CA ALA C 111 6.76 0.89 -21.10
C ALA C 111 5.83 0.24 -22.13
N LYS C 112 6.35 -0.80 -22.80
CA LYS C 112 5.56 -1.51 -23.82
C LYS C 112 4.31 -2.17 -23.23
N ALA C 113 4.33 -2.45 -21.92
CA ALA C 113 3.19 -3.06 -21.27
C ALA C 113 2.23 -2.01 -20.68
N ILE C 114 2.61 -0.73 -20.76
CA ILE C 114 1.74 0.31 -20.23
C ILE C 114 0.64 0.58 -21.26
N PRO C 115 -0.61 0.20 -20.94
CA PRO C 115 -1.77 0.38 -21.82
C PRO C 115 -1.74 1.64 -22.69
N GLY C 116 -1.67 1.46 -24.00
CA GLY C 116 -1.66 2.58 -24.92
C GLY C 116 -0.32 3.14 -25.35
N PHE C 117 0.75 2.77 -24.64
CA PHE C 117 2.09 3.27 -24.96
C PHE C 117 2.59 2.81 -26.33
N ALA C 118 2.40 1.53 -26.64
CA ALA C 118 2.87 0.97 -27.91
C ALA C 118 2.13 1.57 -29.11
N ASN C 119 0.87 1.92 -28.91
CA ASN C 119 0.06 2.51 -29.98
C ASN C 119 0.29 4.01 -30.16
N LEU C 120 1.47 4.46 -29.76
CA LEU C 120 1.86 5.86 -29.91
C LEU C 120 2.87 5.88 -31.04
N ASP C 121 3.10 7.04 -31.65
CA ASP C 121 4.09 7.11 -32.71
C ASP C 121 5.45 6.78 -32.09
N LEU C 122 6.20 5.88 -32.72
CA LEU C 122 7.49 5.47 -32.17
C LEU C 122 8.37 6.66 -31.82
N ASN C 123 8.19 7.77 -32.54
CA ASN C 123 8.97 8.96 -32.27
C ASN C 123 8.61 9.53 -30.88
N ASP C 124 7.36 9.34 -30.46
CA ASP C 124 6.93 9.82 -29.14
C ASP C 124 7.47 8.82 -28.11
N GLN C 125 7.39 7.53 -28.45
CA GLN C 125 7.90 6.50 -27.57
C GLN C 125 9.35 6.81 -27.21
N VAL C 126 10.17 7.05 -28.24
CA VAL C 126 11.59 7.34 -28.06
C VAL C 126 11.80 8.58 -27.17
N THR C 127 10.98 9.60 -27.38
CA THR C 127 11.07 10.84 -26.60
C THR C 127 10.76 10.59 -25.11
N LEU C 128 9.66 9.90 -24.86
CA LEU C 128 9.27 9.60 -23.50
C LEU C 128 10.37 8.85 -22.73
N LEU C 129 10.91 7.79 -23.32
CA LEU C 129 11.96 7.01 -22.66
C LEU C 129 13.22 7.84 -22.53
N LYS C 130 13.53 8.60 -23.57
CA LYS C 130 14.73 9.43 -23.58
C LYS C 130 14.84 10.33 -22.33
N TYR C 131 13.75 10.99 -21.96
CA TYR C 131 13.75 11.89 -20.82
C TYR C 131 13.41 11.19 -19.50
N GLY C 132 12.46 10.28 -19.53
CA GLY C 132 12.04 9.59 -18.32
C GLY C 132 12.90 8.47 -17.79
N VAL C 133 13.72 7.88 -18.65
CA VAL C 133 14.55 6.75 -18.22
C VAL C 133 15.44 7.02 -17.01
N TYR C 134 16.19 8.11 -17.01
CA TYR C 134 17.04 8.39 -15.86
C TYR C 134 16.28 8.83 -14.59
N GLU C 135 15.11 9.41 -14.77
CA GLU C 135 14.32 9.81 -13.63
C GLU C 135 13.87 8.52 -12.96
N ALA C 136 13.36 7.59 -13.76
CA ALA C 136 12.92 6.31 -13.24
C ALA C 136 14.08 5.58 -12.57
N ILE C 137 15.26 5.64 -13.19
CA ILE C 137 16.43 4.95 -12.64
C ILE C 137 16.80 5.42 -11.24
N PHE C 138 16.82 6.73 -11.02
CA PHE C 138 17.20 7.21 -9.69
C PHE C 138 16.09 7.00 -8.69
N ALA C 139 14.85 6.99 -9.15
CA ALA C 139 13.73 6.77 -8.25
C ALA C 139 13.80 5.32 -7.75
N MET C 140 14.01 4.40 -8.69
CA MET C 140 14.10 2.99 -8.36
C MET C 140 15.37 2.66 -7.55
N LEU C 141 16.49 3.30 -7.88
CA LEU C 141 17.76 3.06 -7.17
C LEU C 141 17.65 3.43 -5.67
N SER C 142 16.71 4.30 -5.34
CA SER C 142 16.55 4.69 -3.94
C SER C 142 16.27 3.45 -3.10
N SER C 143 15.44 2.56 -3.62
CA SER C 143 15.10 1.33 -2.92
C SER C 143 16.34 0.62 -2.33
N VAL C 144 17.41 0.48 -3.10
CA VAL C 144 18.61 -0.21 -2.61
C VAL C 144 19.67 0.65 -1.88
N MET C 145 19.29 1.85 -1.45
CA MET C 145 20.23 2.76 -0.77
C MET C 145 19.82 3.05 0.66
N ASN C 146 20.79 3.22 1.55
CA ASN C 146 20.51 3.61 2.92
C ASN C 146 21.47 4.76 3.24
N LYS C 147 21.47 5.26 4.47
CA LYS C 147 22.35 6.36 4.82
C LYS C 147 23.86 6.07 4.72
N ASP C 148 24.24 4.79 4.76
CA ASP C 148 25.65 4.40 4.73
C ASP C 148 26.21 3.87 3.41
N GLY C 149 25.32 3.56 2.47
CA GLY C 149 25.76 3.03 1.19
C GLY C 149 24.59 2.44 0.39
N MET C 150 24.90 1.62 -0.60
CA MET C 150 23.84 1.04 -1.40
C MET C 150 24.22 -0.34 -1.89
N LEU C 151 23.20 -1.15 -2.15
CA LEU C 151 23.39 -2.50 -2.66
C LEU C 151 23.99 -2.42 -4.06
N VAL C 152 24.76 -3.42 -4.42
CA VAL C 152 25.35 -3.49 -5.76
C VAL C 152 25.36 -4.94 -6.20
N ALA C 153 25.63 -5.15 -7.49
CA ALA C 153 25.67 -6.48 -8.08
C ALA C 153 24.52 -7.37 -7.63
N TYR C 154 23.30 -6.97 -7.99
CA TYR C 154 22.07 -7.70 -7.68
C TYR C 154 21.85 -8.02 -6.22
N GLY C 155 22.39 -7.19 -5.33
CA GLY C 155 22.20 -7.40 -3.91
C GLY C 155 23.26 -8.24 -3.22
N ASN C 156 24.30 -8.61 -3.96
CA ASN C 156 25.37 -9.42 -3.42
C ASN C 156 26.39 -8.55 -2.72
N GLY C 157 26.53 -7.32 -3.19
CA GLY C 157 27.49 -6.41 -2.60
C GLY C 157 26.86 -5.15 -2.03
N PHE C 158 27.69 -4.38 -1.33
CA PHE C 158 27.25 -3.15 -0.71
C PHE C 158 28.48 -2.25 -0.75
N ILE C 159 28.36 -1.14 -1.47
CA ILE C 159 29.46 -0.21 -1.58
C ILE C 159 29.07 0.93 -0.65
N THR C 160 30.04 1.41 0.12
CA THR C 160 29.76 2.46 1.10
C THR C 160 29.75 3.87 0.56
N ARG C 161 28.94 4.69 1.21
CA ARG C 161 28.79 6.08 0.85
C ARG C 161 30.10 6.84 1.06
N GLU C 162 30.76 6.57 2.19
CA GLU C 162 32.03 7.23 2.49
C GLU C 162 33.09 6.87 1.46
N PHE C 163 33.16 5.60 1.07
CA PHE C 163 34.12 5.22 0.06
C PHE C 163 33.84 6.01 -1.22
N LEU C 164 32.58 6.12 -1.61
CA LEU C 164 32.26 6.86 -2.82
C LEU C 164 32.74 8.30 -2.80
N LYS C 165 32.59 8.99 -1.67
CA LYS C 165 33.03 10.38 -1.64
C LYS C 165 34.54 10.55 -1.52
N SER C 166 35.27 9.45 -1.32
CA SER C 166 36.73 9.54 -1.20
C SER C 166 37.44 9.54 -2.57
N LEU C 167 36.69 9.30 -3.65
CA LEU C 167 37.25 9.29 -5.01
C LEU C 167 37.65 10.70 -5.38
N ARG C 168 38.24 10.88 -6.56
CA ARG C 168 38.62 12.22 -6.99
C ARG C 168 37.47 12.79 -7.80
N LYS C 169 37.51 14.09 -8.06
CA LYS C 169 36.45 14.78 -8.77
C LYS C 169 36.39 14.57 -10.28
N PRO C 170 35.19 14.68 -10.86
CA PRO C 170 34.00 14.99 -10.03
C PRO C 170 33.30 13.72 -9.55
N PHE C 171 33.97 12.58 -9.73
CA PHE C 171 33.45 11.28 -9.35
C PHE C 171 32.93 11.18 -7.92
N CYS C 172 33.61 11.85 -6.98
CA CYS C 172 33.20 11.84 -5.58
C CYS C 172 31.97 12.71 -5.33
N ASP C 173 31.57 13.50 -6.32
CA ASP C 173 30.39 14.37 -6.18
C ASP C 173 29.19 13.84 -6.94
N ILE C 174 29.27 12.62 -7.44
CA ILE C 174 28.15 12.06 -8.22
C ILE C 174 26.97 11.53 -7.41
N MET C 175 27.24 10.61 -6.49
CA MET C 175 26.21 9.95 -5.68
C MET C 175 25.59 10.65 -4.48
N GLU C 176 26.30 11.59 -3.87
CA GLU C 176 25.76 12.32 -2.71
C GLU C 176 24.34 12.87 -2.91
N PRO C 177 24.11 13.59 -4.03
CA PRO C 177 22.77 14.12 -4.26
C PRO C 177 21.73 12.98 -4.33
N LYS C 178 22.10 11.86 -4.94
CA LYS C 178 21.17 10.74 -5.08
C LYS C 178 20.87 10.17 -3.69
N PHE C 179 21.90 10.10 -2.85
CA PHE C 179 21.74 9.60 -1.49
C PHE C 179 20.80 10.50 -0.68
N ASP C 180 20.92 11.81 -0.86
CA ASP C 180 20.05 12.72 -0.14
C ASP C 180 18.61 12.63 -0.66
N PHE C 181 18.47 12.45 -1.96
CA PHE C 181 17.14 12.34 -2.53
C PHE C 181 16.44 11.08 -2.03
N ALA C 182 17.18 9.96 -2.01
CA ALA C 182 16.66 8.66 -1.58
C ALA C 182 16.31 8.60 -0.09
N MET C 183 17.05 9.32 0.75
CA MET C 183 16.72 9.32 2.18
C MET C 183 15.33 9.94 2.37
N LYS C 184 15.08 11.04 1.67
CA LYS C 184 13.80 11.73 1.74
C LYS C 184 12.70 10.94 1.03
N PHE C 185 13.04 10.33 -0.10
CA PHE C 185 12.09 9.54 -0.87
C PHE C 185 11.74 8.22 -0.15
N ASN C 186 12.75 7.52 0.38
CA ASN C 186 12.52 6.27 1.11
C ASN C 186 11.66 6.52 2.36
N ALA C 187 11.82 7.70 2.95
CA ALA C 187 11.06 8.05 4.15
C ALA C 187 9.55 8.12 3.90
N LEU C 188 9.16 8.12 2.63
CA LEU C 188 7.74 8.16 2.27
C LEU C 188 7.18 6.74 2.40
N GLU C 189 8.10 5.79 2.48
CA GLU C 189 7.78 4.37 2.64
C GLU C 189 6.85 3.75 1.60
N LEU C 190 7.03 4.15 0.35
CA LEU C 190 6.22 3.58 -0.71
C LEU C 190 6.59 2.11 -0.84
N ASP C 191 5.67 1.32 -1.39
CA ASP C 191 5.98 -0.08 -1.60
C ASP C 191 5.99 -0.26 -3.12
N ASP C 192 6.30 -1.47 -3.60
CA ASP C 192 6.38 -1.70 -5.04
C ASP C 192 5.12 -1.40 -5.81
N SER C 193 3.96 -1.59 -5.21
CA SER C 193 2.72 -1.27 -5.93
C SER C 193 2.69 0.23 -6.23
N ASP C 194 3.11 1.05 -5.25
CA ASP C 194 3.15 2.51 -5.44
C ASP C 194 4.18 2.83 -6.53
N ILE C 195 5.41 2.39 -6.31
CA ILE C 195 6.52 2.68 -7.22
C ILE C 195 6.22 2.35 -8.67
N SER C 196 5.57 1.22 -8.90
CA SER C 196 5.23 0.83 -10.26
C SER C 196 4.43 1.96 -10.92
N LEU C 197 3.42 2.46 -10.21
CA LEU C 197 2.57 3.53 -10.73
C LEU C 197 3.32 4.88 -10.89
N PHE C 198 4.16 5.21 -9.93
CA PHE C 198 4.96 6.44 -9.98
C PHE C 198 5.90 6.41 -11.23
N VAL C 199 6.50 5.23 -11.49
CA VAL C 199 7.37 5.08 -12.66
C VAL C 199 6.57 5.18 -13.96
N ALA C 200 5.36 4.63 -13.99
CA ALA C 200 4.55 4.72 -15.19
C ALA C 200 4.28 6.21 -15.46
N ALA C 201 3.96 6.94 -14.38
CA ALA C 201 3.70 8.38 -14.45
C ALA C 201 4.90 9.15 -14.99
N ILE C 202 6.09 8.85 -14.46
CA ILE C 202 7.30 9.53 -14.91
C ILE C 202 7.53 9.35 -16.42
N ILE C 203 7.26 8.14 -16.90
CA ILE C 203 7.44 7.83 -18.31
C ILE C 203 6.38 8.46 -19.21
N CYS C 204 5.12 8.37 -18.82
CA CYS C 204 4.06 8.94 -19.65
C CYS C 204 3.84 10.42 -19.40
N CYS C 205 4.92 11.17 -19.51
CA CYS C 205 4.91 12.62 -19.29
C CYS C 205 4.70 13.42 -20.57
N GLY C 206 3.56 14.11 -20.65
CA GLY C 206 3.22 14.90 -21.83
C GLY C 206 3.97 16.21 -22.01
N ASP C 207 4.75 16.57 -20.99
CA ASP C 207 5.54 17.80 -21.02
C ASP C 207 6.92 17.58 -21.65
N ARG C 208 7.23 16.35 -22.04
CA ARG C 208 8.54 16.09 -22.64
C ARG C 208 8.67 16.78 -23.99
N PRO C 209 9.74 17.57 -24.13
CA PRO C 209 10.00 18.31 -25.38
C PRO C 209 10.07 17.42 -26.62
N GLY C 210 9.68 17.98 -27.75
CA GLY C 210 9.72 17.26 -28.99
C GLY C 210 8.54 16.31 -29.14
N LEU C 211 7.68 16.25 -28.13
CA LEU C 211 6.51 15.37 -28.21
C LEU C 211 5.57 15.84 -29.30
N LEU C 212 5.17 14.90 -30.16
CA LEU C 212 4.28 15.20 -31.27
C LEU C 212 2.81 15.18 -30.88
N ASN C 213 2.30 14.00 -30.52
CA ASN C 213 0.91 13.88 -30.11
C ASN C 213 0.73 14.18 -28.62
N VAL C 214 1.06 15.40 -28.21
CA VAL C 214 0.96 15.83 -26.81
C VAL C 214 -0.38 15.49 -26.14
N GLY C 215 -1.44 16.19 -26.58
CA GLY C 215 -2.77 15.97 -26.03
C GLY C 215 -3.09 14.54 -25.67
N HIS C 216 -2.79 13.62 -26.58
CA HIS C 216 -3.05 12.21 -26.35
C HIS C 216 -2.20 11.73 -25.17
N ILE C 217 -0.89 11.96 -25.26
CA ILE C 217 0.01 11.55 -24.19
C ILE C 217 -0.44 12.16 -22.86
N GLU C 218 -0.88 13.42 -22.89
CA GLU C 218 -1.36 14.10 -21.68
C GLU C 218 -2.56 13.36 -21.07
N LYS C 219 -3.43 12.85 -21.95
CA LYS C 219 -4.60 12.10 -21.53
C LYS C 219 -4.15 10.85 -20.78
N MET C 220 -3.12 10.20 -21.31
CA MET C 220 -2.56 8.98 -20.71
C MET C 220 -2.12 9.19 -19.26
N GLN C 221 -1.35 10.25 -19.04
CA GLN C 221 -0.85 10.57 -17.70
C GLN C 221 -1.97 10.84 -16.72
N GLU C 222 -3.02 11.50 -17.20
CA GLU C 222 -4.15 11.81 -16.36
C GLU C 222 -4.74 10.54 -15.79
N GLY C 223 -4.83 9.51 -16.62
CA GLY C 223 -5.39 8.24 -16.18
C GLY C 223 -4.45 7.46 -15.26
N ILE C 224 -3.15 7.59 -15.50
CA ILE C 224 -2.19 6.90 -14.68
C ILE C 224 -2.16 7.65 -13.35
N VAL C 225 -2.03 8.96 -13.43
CA VAL C 225 -1.96 9.79 -12.24
C VAL C 225 -3.23 9.70 -11.40
N HIS C 226 -4.36 9.47 -12.06
CA HIS C 226 -5.61 9.34 -11.34
C HIS C 226 -5.60 8.07 -10.48
N VAL C 227 -5.22 6.96 -11.09
CA VAL C 227 -5.15 5.69 -10.39
C VAL C 227 -4.10 5.76 -9.29
N LEU C 228 -3.07 6.58 -9.50
CA LEU C 228 -2.02 6.73 -8.51
C LEU C 228 -2.57 7.44 -7.27
N ARG C 229 -3.31 8.52 -7.49
CA ARG C 229 -3.89 9.27 -6.39
C ARG C 229 -4.76 8.35 -5.53
N LEU C 230 -5.72 7.68 -6.16
CA LEU C 230 -6.59 6.77 -5.44
C LEU C 230 -5.89 5.55 -4.80
N HIS C 231 -4.83 5.05 -5.43
CA HIS C 231 -4.08 3.93 -4.88
C HIS C 231 -3.41 4.32 -3.58
N LEU C 232 -2.86 5.53 -3.55
CA LEU C 232 -2.18 6.04 -2.37
C LEU C 232 -3.17 6.23 -1.21
N GLN C 233 -4.36 6.73 -1.54
CA GLN C 233 -5.39 6.98 -0.55
C GLN C 233 -5.81 5.76 0.26
N SER C 234 -6.02 4.63 -0.43
CA SER C 234 -6.43 3.40 0.26
C SER C 234 -5.24 2.60 0.78
N ASN C 235 -4.09 2.71 0.11
CA ASN C 235 -2.87 1.98 0.49
C ASN C 235 -2.07 2.74 1.57
N HIS C 236 -2.20 4.06 1.58
CA HIS C 236 -1.52 4.89 2.57
C HIS C 236 -2.48 5.89 3.20
N PRO C 237 -3.62 5.42 3.75
CA PRO C 237 -4.59 6.32 4.37
C PRO C 237 -3.96 7.13 5.49
N ASP C 238 -2.93 6.55 6.09
CA ASP C 238 -2.23 7.20 7.18
C ASP C 238 -1.39 8.38 6.70
N ASP C 239 -1.02 8.40 5.41
CA ASP C 239 -0.20 9.51 4.95
C ASP C 239 -0.93 10.66 4.31
N ILE C 240 -0.75 11.76 4.97
CA ILE C 240 -1.27 13.06 4.63
C ILE C 240 -1.52 13.30 3.13
N PHE C 241 -0.72 14.19 2.55
CA PHE C 241 -0.81 14.47 1.13
C PHE C 241 0.37 13.72 0.49
N LEU C 242 0.41 12.40 0.66
CA LEU C 242 1.49 11.61 0.08
C LEU C 242 1.54 11.76 -1.44
N PHE C 243 0.39 12.01 -2.06
CA PHE C 243 0.35 12.15 -3.50
C PHE C 243 1.05 13.41 -3.97
N PRO C 244 0.72 14.57 -3.39
CA PRO C 244 1.39 15.80 -3.82
C PRO C 244 2.89 15.80 -3.46
N LYS C 245 3.25 15.03 -2.44
CA LYS C 245 4.66 14.91 -2.08
C LYS C 245 5.33 14.21 -3.26
N LEU C 246 4.67 13.18 -3.79
CA LEU C 246 5.22 12.44 -4.91
C LEU C 246 5.40 13.33 -6.14
N LEU C 247 4.41 14.19 -6.41
CA LEU C 247 4.51 15.12 -7.55
C LEU C 247 5.75 16.00 -7.37
N GLN C 248 6.07 16.31 -6.13
CA GLN C 248 7.24 17.14 -5.85
C GLN C 248 8.48 16.32 -6.14
N LYS C 249 8.41 15.05 -5.76
CA LYS C 249 9.54 14.16 -6.00
C LYS C 249 9.82 14.04 -7.50
N MET C 250 8.79 14.17 -8.33
CA MET C 250 8.96 14.08 -9.77
C MET C 250 9.79 15.27 -10.23
N ALA C 251 9.40 16.46 -9.81
CA ALA C 251 10.14 17.67 -10.17
C ALA C 251 11.59 17.55 -9.68
N ASP C 252 11.77 17.06 -8.45
CA ASP C 252 13.10 16.91 -7.87
C ASP C 252 13.97 15.98 -8.72
N LEU C 253 13.38 14.90 -9.23
CA LEU C 253 14.08 13.94 -10.06
C LEU C 253 14.55 14.58 -11.36
N ARG C 254 13.68 15.40 -11.94
CA ARG C 254 13.97 16.08 -13.18
C ARG C 254 15.26 16.88 -13.03
N GLN C 255 15.42 17.53 -11.88
CA GLN C 255 16.60 18.33 -11.59
C GLN C 255 17.79 17.45 -11.24
N LEU C 256 17.53 16.32 -10.59
CA LEU C 256 18.59 15.39 -10.24
C LEU C 256 19.18 14.86 -11.53
N VAL C 257 18.32 14.55 -12.50
CA VAL C 257 18.78 14.02 -13.78
C VAL C 257 19.51 15.09 -14.58
N THR C 258 18.96 16.30 -14.61
CA THR C 258 19.58 17.38 -15.33
C THR C 258 21.00 17.63 -14.77
N GLU C 259 21.11 17.65 -13.44
CA GLU C 259 22.40 17.87 -12.76
C GLU C 259 23.34 16.69 -12.96
N HIS C 260 22.79 15.49 -13.12
CA HIS C 260 23.64 14.33 -13.29
C HIS C 260 24.23 14.29 -14.68
N ALA C 261 23.37 14.45 -15.70
CA ALA C 261 23.83 14.45 -17.09
C ALA C 261 24.88 15.54 -17.29
N GLN C 262 24.77 16.58 -16.48
CA GLN C 262 25.69 17.72 -16.53
C GLN C 262 27.04 17.22 -16.03
N LEU C 263 27.00 16.49 -14.92
CA LEU C 263 28.19 15.93 -14.28
C LEU C 263 28.83 14.86 -15.17
N VAL C 264 28.00 14.12 -15.90
CA VAL C 264 28.50 13.08 -16.80
C VAL C 264 29.21 13.71 -17.99
N GLN C 265 28.86 14.95 -18.31
CA GLN C 265 29.46 15.65 -19.43
C GLN C 265 30.91 16.06 -19.14
N ILE C 266 31.18 16.40 -17.88
CA ILE C 266 32.53 16.80 -17.52
C ILE C 266 33.43 15.57 -17.45
N ILE C 267 32.83 14.38 -17.40
CA ILE C 267 33.62 13.15 -17.35
C ILE C 267 33.92 12.70 -18.77
N LYS C 268 32.93 12.85 -19.65
CA LYS C 268 33.07 12.47 -21.04
C LYS C 268 34.14 13.37 -21.65
N LYS C 269 34.21 14.59 -21.12
CA LYS C 269 35.13 15.61 -21.61
C LYS C 269 36.18 16.10 -20.59
N THR C 270 36.80 15.19 -19.85
CA THR C 270 37.82 15.52 -18.86
C THR C 270 38.46 14.26 -18.29
N GLU C 271 37.88 13.12 -18.62
CA GLU C 271 38.40 11.86 -18.14
C GLU C 271 38.13 10.88 -19.27
N SER C 272 38.83 11.10 -20.37
CA SER C 272 38.73 10.33 -21.60
C SER C 272 38.86 8.81 -21.40
N ASP C 273 39.21 8.40 -20.19
CA ASP C 273 39.34 6.97 -19.92
C ASP C 273 37.99 6.29 -20.02
N ALA C 274 37.00 6.90 -19.40
CA ALA C 274 35.65 6.35 -19.40
C ALA C 274 34.96 6.64 -20.71
N ALA C 275 34.18 5.66 -21.17
CA ALA C 275 33.41 5.79 -22.40
C ALA C 275 31.99 5.38 -22.03
N LEU C 276 31.00 5.86 -22.78
CA LEU C 276 29.63 5.50 -22.48
C LEU C 276 29.12 4.48 -23.47
N HIS C 277 28.24 3.61 -22.99
CA HIS C 277 27.66 2.63 -23.88
C HIS C 277 26.86 3.50 -24.84
N PRO C 278 26.90 3.19 -26.14
CA PRO C 278 26.17 3.94 -27.16
C PRO C 278 24.69 4.18 -26.89
N LEU C 279 24.04 3.25 -26.20
CA LEU C 279 22.63 3.43 -25.88
C LEU C 279 22.54 4.59 -24.90
N LEU C 280 23.47 4.63 -23.96
CA LEU C 280 23.43 5.71 -23.00
C LEU C 280 23.82 7.03 -23.66
N GLN C 281 24.72 6.98 -24.65
CA GLN C 281 25.11 8.21 -25.32
C GLN C 281 24.01 8.78 -26.19
N GLU C 282 23.25 7.93 -26.87
CA GLU C 282 22.20 8.52 -27.70
C GLU C 282 21.13 9.16 -26.82
N ILE C 283 20.96 8.64 -25.60
CA ILE C 283 19.99 9.16 -24.64
C ILE C 283 20.46 10.53 -24.13
N TYR C 284 21.72 10.62 -23.72
CA TYR C 284 22.29 11.87 -23.24
C TYR C 284 22.41 12.93 -24.34
N ARG C 285 22.73 12.48 -25.55
CA ARG C 285 22.90 13.39 -26.66
C ARG C 285 21.71 14.33 -26.85
N ASP C 286 21.98 15.62 -26.90
CA ASP C 286 20.93 16.63 -27.07
C ASP C 286 19.79 16.49 -26.06
N MET C 287 20.11 16.10 -24.83
CA MET C 287 19.05 15.93 -23.84
C MET C 287 18.70 17.26 -23.17
N TYR C 288 19.72 17.96 -22.68
CA TYR C 288 19.53 19.24 -22.01
C TYR C 288 20.47 20.30 -22.59
N GLU D 6 19.49 13.00 -34.13
CA GLU D 6 18.95 12.13 -33.04
C GLU D 6 19.20 10.65 -33.32
N ARG D 7 18.65 10.17 -34.42
CA ARG D 7 18.78 8.79 -34.80
C ARG D 7 18.20 7.87 -33.71
N HIS D 8 18.77 7.91 -32.49
CA HIS D 8 18.31 7.06 -31.39
C HIS D 8 18.13 5.62 -31.89
N LYS D 9 18.99 5.20 -32.80
CA LYS D 9 18.93 3.88 -33.41
C LYS D 9 18.69 2.70 -32.45
N ILE D 10 19.46 2.60 -31.39
CA ILE D 10 19.32 1.49 -30.44
C ILE D 10 17.98 1.46 -29.70
N LEU D 11 17.59 2.61 -29.16
CA LEU D 11 16.33 2.75 -28.44
C LEU D 11 15.19 2.40 -29.41
N HIS D 12 15.42 2.73 -30.68
CA HIS D 12 14.50 2.46 -31.79
C HIS D 12 14.35 0.95 -31.98
N ARG D 13 15.48 0.25 -31.95
CA ARG D 13 15.51 -1.20 -32.11
C ARG D 13 14.89 -1.89 -30.91
N LEU D 14 15.11 -1.37 -29.70
CA LEU D 14 14.52 -1.97 -28.50
C LEU D 14 12.99 -1.84 -28.48
N LEU D 15 12.48 -0.77 -29.10
CA LEU D 15 11.03 -0.52 -29.16
C LEU D 15 10.24 -1.31 -30.22
N GLN D 16 10.94 -1.98 -31.13
CA GLN D 16 10.31 -2.74 -32.21
C GLN D 16 9.60 -4.03 -31.79
N GLU D 17 10.36 -4.97 -31.21
CA GLU D 17 9.76 -6.25 -30.79
C GLU D 17 10.36 -6.90 -29.54
N GLY D 18 11.65 -7.23 -29.60
CA GLY D 18 12.31 -7.85 -28.45
C GLY D 18 13.56 -7.11 -28.05
N ASP E 22 -5.27 0.63 41.00
CA ASP E 22 -5.59 0.81 39.57
C ASP E 22 -6.34 -0.38 39.00
N LEU E 23 -5.66 -1.26 38.27
CA LEU E 23 -6.21 -2.46 37.61
C LEU E 23 -7.73 -2.64 37.60
N LYS E 24 -8.43 -1.57 37.93
CA LYS E 24 -9.88 -1.46 37.98
C LYS E 24 -10.03 -0.16 37.22
N SER E 25 -8.96 0.62 37.25
CA SER E 25 -8.90 1.88 36.55
C SER E 25 -8.68 1.47 35.09
N LEU E 26 -8.11 0.27 34.93
CA LEU E 26 -7.87 -0.31 33.61
C LEU E 26 -9.20 -0.23 32.87
N ALA E 27 -10.27 -0.39 33.63
CA ALA E 27 -11.61 -0.35 33.09
C ALA E 27 -12.00 1.01 32.54
N LYS E 28 -11.99 2.03 33.38
CA LYS E 28 -12.39 3.35 32.92
C LYS E 28 -11.46 3.97 31.89
N ARG E 29 -10.27 3.40 31.72
CA ARG E 29 -9.34 3.88 30.71
C ARG E 29 -9.81 3.32 29.39
N ILE E 30 -9.95 1.99 29.36
CA ILE E 30 -10.43 1.28 28.18
C ILE E 30 -11.76 1.90 27.77
N TYR E 31 -12.54 2.32 28.76
CA TYR E 31 -13.84 2.91 28.50
C TYR E 31 -13.71 4.30 27.90
N GLU E 32 -12.69 5.05 28.29
CA GLU E 32 -12.54 6.38 27.71
C GLU E 32 -11.97 6.26 26.30
N ALA E 33 -11.17 5.23 26.07
CA ALA E 33 -10.59 5.02 24.75
C ALA E 33 -11.71 4.75 23.76
N TYR E 34 -12.72 4.06 24.26
CA TYR E 34 -13.90 3.66 23.49
C TYR E 34 -14.76 4.85 23.08
N LEU E 35 -15.04 5.73 24.04
CA LEU E 35 -15.86 6.90 23.73
C LEU E 35 -15.07 7.86 22.86
N LYS E 36 -13.75 7.80 23.02
CA LYS E 36 -12.85 8.67 22.28
C LYS E 36 -12.72 8.28 20.81
N ASN E 37 -12.56 6.98 20.56
CA ASN E 37 -12.36 6.50 19.20
C ASN E 37 -13.56 6.12 18.35
N PHE E 38 -14.74 5.96 18.96
CA PHE E 38 -15.91 5.58 18.18
C PHE E 38 -16.92 6.72 18.17
N ASN E 39 -17.44 7.03 16.98
CA ASN E 39 -18.40 8.11 16.85
C ASN E 39 -19.81 7.72 17.28
N MET E 40 -20.32 6.61 16.73
CA MET E 40 -21.65 6.15 17.10
C MET E 40 -21.56 5.17 18.26
N ASN E 41 -22.22 5.49 19.37
CA ASN E 41 -22.19 4.63 20.54
C ASN E 41 -23.62 4.24 20.91
N LYS E 42 -23.78 3.20 21.72
CA LYS E 42 -25.11 2.71 22.07
C LYS E 42 -26.15 3.71 22.55
N VAL E 43 -25.77 4.63 23.45
CA VAL E 43 -26.72 5.64 23.93
C VAL E 43 -27.23 6.55 22.83
N LYS E 44 -26.34 7.00 21.94
CA LYS E 44 -26.74 7.86 20.80
C LYS E 44 -27.71 7.09 19.90
N ALA E 45 -27.33 5.86 19.57
CA ALA E 45 -28.14 5.02 18.70
C ALA E 45 -29.53 4.76 19.26
N ARG E 46 -29.58 4.29 20.51
CA ARG E 46 -30.86 3.98 21.14
C ARG E 46 -31.83 5.15 21.26
N VAL E 47 -31.32 6.37 21.45
CA VAL E 47 -32.18 7.56 21.55
C VAL E 47 -32.72 7.85 20.15
N ILE E 48 -31.85 7.80 19.15
CA ILE E 48 -32.30 8.03 17.78
C ILE E 48 -33.41 7.04 17.49
N LEU E 49 -33.08 5.75 17.58
CA LEU E 49 -34.05 4.67 17.33
C LEU E 49 -35.30 4.84 18.18
N SER E 50 -35.18 5.64 19.23
CA SER E 50 -36.29 5.88 20.15
C SER E 50 -36.00 7.16 20.93
N GLY E 51 -36.38 8.31 20.37
CA GLY E 51 -36.14 9.57 21.05
C GLY E 51 -37.29 10.54 20.90
N LYS E 52 -37.84 10.58 19.68
CA LYS E 52 -38.99 11.42 19.30
C LYS E 52 -39.02 12.87 19.77
N ALA E 53 -38.63 13.11 21.02
CA ALA E 53 -38.62 14.47 21.57
C ALA E 53 -37.87 15.36 20.59
N SER E 54 -36.90 14.76 19.91
CA SER E 54 -36.10 15.45 18.90
C SER E 54 -36.41 14.86 17.53
N ASN E 55 -37.65 14.37 17.39
CA ASN E 55 -38.18 13.78 16.17
C ASN E 55 -37.10 13.56 15.10
N ASN E 56 -37.25 14.22 13.94
CA ASN E 56 -36.30 14.11 12.83
C ASN E 56 -35.98 12.67 12.39
N PRO E 57 -36.93 11.74 12.57
CA PRO E 57 -36.73 10.32 12.20
C PRO E 57 -35.78 10.09 11.04
N PRO E 58 -34.84 9.16 11.22
CA PRO E 58 -33.89 8.87 10.16
C PRO E 58 -34.61 8.54 8.86
N PHE E 59 -34.04 8.95 7.73
CA PHE E 59 -34.65 8.66 6.45
C PHE E 59 -34.72 7.15 6.30
N VAL E 60 -35.91 6.61 6.02
CA VAL E 60 -36.09 5.17 5.89
C VAL E 60 -35.92 4.59 4.49
N ILE E 61 -35.06 3.58 4.38
CA ILE E 61 -34.83 2.91 3.11
C ILE E 61 -35.51 1.55 3.19
N HIS E 62 -36.57 1.37 2.41
CA HIS E 62 -37.31 0.12 2.44
C HIS E 62 -37.56 -0.48 1.06
N ASP E 63 -37.01 0.14 0.03
CA ASP E 63 -37.16 -0.36 -1.32
C ASP E 63 -36.13 0.25 -2.26
N MET E 64 -36.14 -0.18 -3.51
CA MET E 64 -35.18 0.34 -4.50
C MET E 64 -35.27 1.86 -4.68
N GLU E 65 -36.50 2.37 -4.65
CA GLU E 65 -36.74 3.79 -4.82
C GLU E 65 -36.14 4.59 -3.67
N THR E 66 -36.46 4.19 -2.44
CA THR E 66 -35.93 4.90 -1.28
C THR E 66 -34.42 4.69 -1.11
N LEU E 67 -33.88 3.67 -1.77
CA LEU E 67 -32.44 3.41 -1.73
C LEU E 67 -31.75 4.46 -2.59
N CYS E 68 -32.33 4.74 -3.75
CA CYS E 68 -31.80 5.72 -4.69
C CYS E 68 -31.91 7.13 -4.15
N MET E 69 -33.02 7.44 -3.51
CA MET E 69 -33.20 8.78 -2.94
C MET E 69 -32.13 9.04 -1.88
N ALA E 70 -31.75 7.99 -1.15
CA ALA E 70 -30.75 8.12 -0.10
C ALA E 70 -29.36 8.37 -0.68
N GLU E 71 -29.02 7.61 -1.71
CA GLU E 71 -27.72 7.76 -2.36
C GLU E 71 -27.64 9.13 -3.01
N LYS E 72 -28.80 9.62 -3.43
CA LYS E 72 -28.89 10.92 -4.07
C LYS E 72 -28.16 12.00 -3.29
N THR E 73 -28.37 12.04 -1.97
CA THR E 73 -27.72 13.08 -1.18
C THR E 73 -26.45 12.59 -0.48
N LEU E 74 -26.56 12.09 0.75
CA LEU E 74 -25.40 11.61 1.53
C LEU E 74 -24.55 10.53 0.91
N VAL E 75 -24.90 10.11 -0.28
CA VAL E 75 -24.14 9.08 -0.94
C VAL E 75 -24.00 9.58 -2.37
N ALA E 76 -23.88 10.90 -2.50
CA ALA E 76 -23.74 11.55 -3.79
C ALA E 76 -22.70 10.82 -4.64
N LYS E 77 -21.98 9.91 -3.99
CA LYS E 77 -20.95 9.10 -4.64
C LYS E 77 -21.58 7.87 -5.33
N LEU E 78 -22.89 7.68 -5.13
CA LEU E 78 -23.63 6.56 -5.71
C LEU E 78 -24.91 6.95 -6.47
N VAL E 79 -25.07 8.23 -6.80
CA VAL E 79 -26.25 8.69 -7.52
C VAL E 79 -25.88 9.49 -8.77
N ALA E 80 -24.68 10.04 -8.76
CA ALA E 80 -24.19 10.84 -9.89
C ALA E 80 -22.77 10.43 -10.29
N ASN E 81 -22.50 9.12 -10.29
CA ASN E 81 -21.17 8.62 -10.66
C ASN E 81 -21.26 7.34 -11.49
N GLY E 82 -22.39 7.15 -12.19
CA GLY E 82 -22.58 5.96 -13.01
C GLY E 82 -22.95 4.77 -12.14
N ILE E 83 -22.46 4.77 -10.91
CA ILE E 83 -22.72 3.70 -9.95
C ILE E 83 -24.17 3.81 -9.52
N GLN E 84 -24.80 4.93 -9.86
CA GLN E 84 -26.19 5.21 -9.52
C GLN E 84 -27.11 4.06 -9.94
N ASN E 85 -26.64 3.24 -10.89
CA ASN E 85 -27.44 2.13 -11.36
C ASN E 85 -26.76 0.76 -11.25
N LYS E 86 -25.48 0.73 -10.87
CA LYS E 86 -24.80 -0.55 -10.69
C LYS E 86 -25.74 -1.28 -9.76
N GLU E 87 -25.93 -2.57 -9.96
CA GLU E 87 -26.86 -3.33 -9.12
C GLU E 87 -26.85 -2.85 -7.66
N ALA E 88 -28.04 -2.77 -7.08
CA ALA E 88 -28.21 -2.31 -5.71
C ALA E 88 -27.39 -3.09 -4.68
N GLU E 89 -27.53 -4.41 -4.67
CA GLU E 89 -26.80 -5.25 -3.72
C GLU E 89 -25.31 -4.95 -3.71
N VAL E 90 -24.77 -4.55 -4.85
CA VAL E 90 -23.36 -4.22 -4.95
C VAL E 90 -23.11 -2.83 -4.37
N ARG E 91 -24.10 -1.96 -4.50
CA ARG E 91 -23.98 -0.61 -3.97
C ARG E 91 -24.09 -0.68 -2.45
N ILE E 92 -25.00 -1.51 -1.98
CA ILE E 92 -25.19 -1.68 -0.55
C ILE E 92 -23.93 -2.31 0.03
N PHE E 93 -23.37 -3.25 -0.73
CA PHE E 93 -22.16 -3.95 -0.33
C PHE E 93 -21.03 -2.94 -0.24
N HIS E 94 -21.08 -1.92 -1.07
CA HIS E 94 -20.03 -0.92 -1.06
C HIS E 94 -20.11 -0.09 0.22
N CYS E 95 -21.32 0.34 0.56
CA CYS E 95 -21.54 1.15 1.74
C CYS E 95 -21.18 0.42 3.03
N CYS E 96 -21.41 -0.89 3.06
CA CYS E 96 -21.09 -1.63 4.25
C CYS E 96 -19.57 -1.69 4.46
N GLN E 97 -18.81 -1.74 3.36
CA GLN E 97 -17.34 -1.78 3.45
C GLN E 97 -16.79 -0.50 4.03
N CYS E 98 -17.39 0.61 3.61
CA CYS E 98 -16.93 1.91 4.08
C CYS E 98 -16.98 1.88 5.60
N THR E 99 -18.12 1.45 6.14
CA THR E 99 -18.27 1.35 7.58
C THR E 99 -17.16 0.47 8.17
N SER E 100 -16.92 -0.69 7.56
CA SER E 100 -15.87 -1.59 8.04
C SER E 100 -14.51 -0.92 8.02
N VAL E 101 -14.14 -0.29 6.90
CA VAL E 101 -12.84 0.37 6.82
C VAL E 101 -12.74 1.32 8.00
N GLU E 102 -13.81 2.08 8.22
CA GLU E 102 -13.87 3.05 9.30
C GLU E 102 -13.73 2.41 10.67
N THR E 103 -14.57 1.42 10.94
CA THR E 103 -14.53 0.76 12.22
C THR E 103 -13.14 0.16 12.49
N VAL E 104 -12.60 -0.57 11.52
CA VAL E 104 -11.28 -1.17 11.67
C VAL E 104 -10.27 -0.08 12.07
N THR E 105 -10.39 1.10 11.47
CA THR E 105 -9.49 2.21 11.75
C THR E 105 -9.66 2.69 13.20
N GLU E 106 -10.89 2.87 13.63
CA GLU E 106 -11.14 3.31 14.99
C GLU E 106 -10.72 2.20 15.96
N LEU E 107 -10.96 0.93 15.60
CA LEU E 107 -10.59 -0.21 16.43
C LEU E 107 -9.08 -0.32 16.63
N THR E 108 -8.32 0.06 15.61
CA THR E 108 -6.86 0.02 15.67
C THR E 108 -6.36 1.06 16.67
N GLU E 109 -6.98 2.24 16.65
CA GLU E 109 -6.65 3.33 17.55
C GLU E 109 -7.05 2.88 18.97
N PHE E 110 -8.28 2.38 19.10
CA PHE E 110 -8.79 1.88 20.38
C PHE E 110 -7.85 0.84 21.02
N ALA E 111 -7.43 -0.15 20.25
CA ALA E 111 -6.53 -1.20 20.72
C ALA E 111 -5.18 -0.64 21.16
N LYS E 112 -4.69 0.41 20.48
CA LYS E 112 -3.42 1.02 20.84
C LYS E 112 -3.53 1.71 22.19
N ALA E 113 -4.75 2.09 22.56
CA ALA E 113 -5.00 2.75 23.84
C ALA E 113 -5.20 1.74 24.99
N ILE E 114 -5.22 0.45 24.66
CA ILE E 114 -5.38 -0.60 25.67
C ILE E 114 -3.99 -0.81 26.24
N PRO E 115 -3.77 -0.44 27.52
CA PRO E 115 -2.44 -0.63 28.13
C PRO E 115 -1.81 -2.00 27.86
N GLY E 116 -0.61 -2.00 27.29
CA GLY E 116 0.07 -3.26 26.99
C GLY E 116 -0.02 -3.77 25.56
N PHE E 117 -0.97 -3.24 24.78
CA PHE E 117 -1.14 -3.66 23.39
C PHE E 117 -0.04 -3.07 22.50
N ALA E 118 0.20 -1.76 22.60
CA ALA E 118 1.22 -1.07 21.80
C ALA E 118 2.64 -1.61 22.01
N ASN E 119 2.82 -2.39 23.07
CA ASN E 119 4.13 -2.96 23.40
C ASN E 119 4.32 -4.40 22.95
N LEU E 120 3.32 -4.93 22.24
CA LEU E 120 3.38 -6.29 21.73
C LEU E 120 4.16 -6.31 20.41
N ASP E 121 4.55 -7.50 19.96
CA ASP E 121 5.27 -7.57 18.69
C ASP E 121 4.27 -7.13 17.63
N LEU E 122 4.73 -6.35 16.66
CA LEU E 122 3.85 -5.85 15.60
C LEU E 122 3.05 -6.94 14.89
N ASN E 123 3.64 -8.12 14.72
CA ASN E 123 2.91 -9.19 14.08
C ASN E 123 1.79 -9.65 15.01
N ASP E 124 2.02 -9.51 16.31
CA ASP E 124 1.03 -9.89 17.31
C ASP E 124 -0.11 -8.88 17.26
N GLN E 125 0.25 -7.62 17.08
CA GLN E 125 -0.75 -6.56 17.00
C GLN E 125 -1.62 -6.86 15.77
N VAL E 126 -0.95 -7.09 14.64
CA VAL E 126 -1.62 -7.37 13.38
C VAL E 126 -2.52 -8.60 13.50
N THR E 127 -1.96 -9.71 13.97
CA THR E 127 -2.74 -10.93 14.15
C THR E 127 -3.98 -10.68 15.02
N LEU E 128 -3.78 -9.97 16.13
CA LEU E 128 -4.89 -9.67 17.03
C LEU E 128 -6.03 -8.88 16.36
N LEU E 129 -5.68 -7.83 15.63
CA LEU E 129 -6.68 -7.03 14.95
C LEU E 129 -7.31 -7.81 13.82
N LYS E 130 -6.53 -8.69 13.20
CA LYS E 130 -6.99 -9.49 12.07
C LYS E 130 -8.18 -10.38 12.39
N TYR E 131 -8.13 -11.10 13.50
CA TYR E 131 -9.24 -11.99 13.87
C TYR E 131 -10.31 -11.33 14.72
N GLY E 132 -9.92 -10.32 15.48
CA GLY E 132 -10.87 -9.65 16.34
C GLY E 132 -11.72 -8.55 15.72
N VAL E 133 -11.15 -7.82 14.78
CA VAL E 133 -11.87 -6.72 14.17
C VAL E 133 -13.33 -7.01 13.76
N TYR E 134 -13.58 -8.12 13.08
CA TYR E 134 -14.95 -8.41 12.65
C TYR E 134 -15.88 -8.88 13.76
N GLU E 135 -15.33 -9.50 14.79
CA GLU E 135 -16.16 -9.94 15.91
C GLU E 135 -16.61 -8.68 16.64
N ALA E 136 -15.69 -7.73 16.79
CA ALA E 136 -16.00 -6.49 17.47
C ALA E 136 -17.04 -5.69 16.66
N ILE E 137 -16.89 -5.68 15.34
CA ILE E 137 -17.81 -4.94 14.48
C ILE E 137 -19.25 -5.42 14.65
N PHE E 138 -19.49 -6.72 14.46
CA PHE E 138 -20.85 -7.23 14.61
C PHE E 138 -21.38 -7.06 16.02
N ALA E 139 -20.50 -7.10 17.02
CA ALA E 139 -20.96 -6.90 18.38
C ALA E 139 -21.43 -5.45 18.51
N MET E 140 -20.61 -4.51 18.04
CA MET E 140 -20.97 -3.09 18.14
C MET E 140 -22.14 -2.75 17.23
N LEU E 141 -22.20 -3.40 16.07
CA LEU E 141 -23.27 -3.18 15.12
C LEU E 141 -24.64 -3.43 15.74
N SER E 142 -24.71 -4.40 16.67
CA SER E 142 -25.97 -4.71 17.34
C SER E 142 -26.58 -3.44 17.96
N SER E 143 -25.73 -2.56 18.47
CA SER E 143 -26.17 -1.29 19.08
C SER E 143 -27.12 -0.48 18.21
N VAL E 144 -26.96 -0.55 16.89
CA VAL E 144 -27.82 0.23 15.99
C VAL E 144 -28.92 -0.59 15.34
N MET E 145 -29.14 -1.80 15.81
CA MET E 145 -30.16 -2.66 15.25
C MET E 145 -31.34 -2.90 16.20
N ASN E 146 -32.51 -3.08 15.61
CA ASN E 146 -33.72 -3.42 16.36
C ASN E 146 -34.36 -4.49 15.49
N LYS E 147 -35.51 -5.00 15.88
CA LYS E 147 -36.18 -6.06 15.12
C LYS E 147 -36.54 -5.80 13.67
N ASP E 148 -36.85 -4.55 13.32
CA ASP E 148 -37.27 -4.25 11.95
C ASP E 148 -36.19 -3.67 11.05
N GLY E 149 -35.02 -3.38 11.61
CA GLY E 149 -33.96 -2.81 10.81
C GLY E 149 -32.80 -2.27 11.63
N MET E 150 -32.03 -1.37 11.02
CA MET E 150 -30.89 -0.80 11.70
C MET E 150 -30.56 0.54 11.10
N LEU E 151 -29.85 1.35 11.89
CA LEU E 151 -29.41 2.67 11.46
C LEU E 151 -28.29 2.58 10.43
N VAL E 152 -28.24 3.56 9.53
CA VAL E 152 -27.20 3.64 8.53
C VAL E 152 -26.73 5.08 8.48
N ALA E 153 -25.60 5.31 7.83
CA ALA E 153 -25.05 6.65 7.69
C ALA E 153 -25.11 7.50 8.96
N TYR E 154 -24.41 7.04 10.00
CA TYR E 154 -24.33 7.76 11.26
C TYR E 154 -25.65 8.12 11.94
N GLY E 155 -26.57 7.17 11.99
CA GLY E 155 -27.85 7.43 12.66
C GLY E 155 -28.79 8.31 11.87
N ASN E 156 -28.35 8.70 10.68
CA ASN E 156 -29.11 9.57 9.79
C ASN E 156 -30.12 8.83 8.92
N GLY E 157 -29.89 7.53 8.78
CA GLY E 157 -30.77 6.71 7.96
C GLY E 157 -31.15 5.44 8.71
N PHE E 158 -32.07 4.69 8.12
CA PHE E 158 -32.53 3.45 8.73
C PHE E 158 -32.94 2.50 7.62
N ILE E 159 -32.19 1.41 7.46
CA ILE E 159 -32.53 0.45 6.43
C ILE E 159 -33.32 -0.68 7.11
N THR E 160 -34.44 -1.04 6.51
CA THR E 160 -35.29 -2.07 7.09
C THR E 160 -34.77 -3.48 6.83
N ARG E 161 -35.16 -4.38 7.73
CA ARG E 161 -34.75 -5.78 7.66
C ARG E 161 -35.40 -6.52 6.51
N GLU E 162 -36.62 -6.13 6.14
CA GLU E 162 -37.33 -6.79 5.03
C GLU E 162 -36.68 -6.46 3.69
N PHE E 163 -36.28 -5.22 3.51
CA PHE E 163 -35.64 -4.82 2.27
C PHE E 163 -34.43 -5.74 2.07
N LEU E 164 -33.60 -5.85 3.11
CA LEU E 164 -32.42 -6.70 3.03
C LEU E 164 -32.74 -8.12 2.55
N LYS E 165 -33.81 -8.72 3.06
CA LYS E 165 -34.11 -10.09 2.62
C LYS E 165 -34.79 -10.19 1.26
N SER E 166 -35.18 -9.05 0.69
CA SER E 166 -35.82 -9.02 -0.61
C SER E 166 -34.79 -8.83 -1.71
N LEU E 167 -33.51 -9.01 -1.37
CA LEU E 167 -32.42 -8.86 -2.31
C LEU E 167 -32.10 -10.19 -2.96
N ARG E 168 -31.36 -10.13 -4.06
CA ARG E 168 -30.94 -11.30 -4.82
C ARG E 168 -29.88 -12.07 -4.01
N LYS E 169 -30.08 -13.37 -3.82
CA LYS E 169 -29.10 -14.20 -3.08
C LYS E 169 -27.73 -14.08 -3.73
N PRO E 170 -26.64 -14.29 -2.96
CA PRO E 170 -26.50 -14.63 -1.54
C PRO E 170 -26.66 -13.45 -0.58
N PHE E 171 -26.88 -12.26 -1.14
CA PHE E 171 -27.01 -11.02 -0.37
C PHE E 171 -28.07 -10.97 0.72
N CYS E 172 -29.31 -11.27 0.35
CA CYS E 172 -30.45 -11.26 1.25
C CYS E 172 -30.28 -12.14 2.50
N ASP E 173 -29.29 -13.01 2.48
CA ASP E 173 -29.06 -13.88 3.61
C ASP E 173 -27.88 -13.40 4.45
N ILE E 174 -27.28 -12.28 4.05
CA ILE E 174 -26.14 -11.76 4.78
C ILE E 174 -26.46 -11.19 6.16
N MET E 175 -27.36 -10.22 6.21
CA MET E 175 -27.73 -9.58 7.47
C MET E 175 -28.65 -10.33 8.42
N GLU E 176 -29.48 -11.20 7.88
CA GLU E 176 -30.44 -11.95 8.67
C GLU E 176 -29.81 -12.64 9.88
N PRO E 177 -28.66 -13.33 9.73
CA PRO E 177 -28.15 -13.94 10.96
C PRO E 177 -27.47 -12.95 11.91
N LYS E 178 -27.23 -11.73 11.44
CA LYS E 178 -26.64 -10.68 12.28
C LYS E 178 -27.78 -10.09 13.11
N PHE E 179 -28.98 -10.07 12.53
CA PHE E 179 -30.17 -9.59 13.23
C PHE E 179 -30.53 -10.57 14.37
N ASP E 180 -30.29 -11.86 14.18
CA ASP E 180 -30.60 -12.84 15.24
C ASP E 180 -29.69 -12.59 16.44
N PHE E 181 -28.38 -12.57 16.18
CA PHE E 181 -27.42 -12.33 17.24
C PHE E 181 -27.73 -11.04 17.99
N ALA E 182 -28.03 -9.97 17.26
CA ALA E 182 -28.32 -8.68 17.85
C ALA E 182 -29.50 -8.69 18.82
N MET E 183 -30.63 -9.28 18.41
CA MET E 183 -31.80 -9.34 19.29
C MET E 183 -31.48 -10.06 20.60
N LYS E 184 -30.79 -11.19 20.52
CA LYS E 184 -30.43 -11.91 21.74
C LYS E 184 -29.34 -11.15 22.49
N PHE E 185 -28.47 -10.47 21.76
CA PHE E 185 -27.38 -9.70 22.37
C PHE E 185 -27.88 -8.39 22.99
N ASN E 186 -28.85 -7.75 22.35
CA ASN E 186 -29.38 -6.51 22.91
C ASN E 186 -30.19 -6.79 24.18
N ALA E 187 -30.82 -7.97 24.24
CA ALA E 187 -31.64 -8.36 25.38
C ALA E 187 -30.83 -8.42 26.66
N LEU E 188 -29.51 -8.58 26.53
CA LEU E 188 -28.66 -8.62 27.70
C LEU E 188 -28.64 -7.23 28.32
N GLU E 189 -29.04 -6.23 27.53
CA GLU E 189 -29.11 -4.84 28.00
C GLU E 189 -27.81 -4.17 28.42
N LEU E 190 -26.72 -4.51 27.75
CA LEU E 190 -25.42 -3.96 28.06
C LEU E 190 -25.34 -2.49 27.68
N ASP E 191 -24.45 -1.75 28.34
CA ASP E 191 -24.26 -0.36 28.00
C ASP E 191 -22.84 -0.18 27.48
N ASP E 192 -22.48 1.05 27.15
CA ASP E 192 -21.17 1.33 26.59
C ASP E 192 -20.00 0.94 27.47
N SER E 193 -20.15 1.08 28.79
CA SER E 193 -19.06 0.71 29.69
C SER E 193 -18.89 -0.80 29.59
N ASP E 194 -19.99 -1.52 29.40
CA ASP E 194 -19.91 -2.97 29.25
C ASP E 194 -19.21 -3.33 27.94
N ILE E 195 -19.80 -2.85 26.85
CA ILE E 195 -19.30 -3.11 25.51
C ILE E 195 -17.81 -2.80 25.36
N SER E 196 -17.34 -1.70 25.95
CA SER E 196 -15.93 -1.33 25.83
C SER E 196 -15.01 -2.48 26.27
N LEU E 197 -15.25 -3.00 27.48
CA LEU E 197 -14.44 -4.09 28.00
C LEU E 197 -14.61 -5.36 27.18
N PHE E 198 -15.84 -5.61 26.75
CA PHE E 198 -16.17 -6.79 25.96
C PHE E 198 -15.33 -6.76 24.68
N VAL E 199 -15.23 -5.58 24.09
CA VAL E 199 -14.46 -5.44 22.86
C VAL E 199 -12.97 -5.63 23.13
N ALA E 200 -12.48 -5.11 24.25
CA ALA E 200 -11.06 -5.28 24.58
C ALA E 200 -10.78 -6.77 24.71
N ALA E 201 -11.65 -7.47 25.44
CA ALA E 201 -11.49 -8.91 25.65
C ALA E 201 -11.52 -9.67 24.31
N ILE E 202 -12.36 -9.22 23.40
CA ILE E 202 -12.45 -9.82 22.08
C ILE E 202 -11.14 -9.65 21.31
N ILE E 203 -10.56 -8.45 21.39
CA ILE E 203 -9.32 -8.15 20.70
C ILE E 203 -8.09 -8.82 21.30
N CYS E 204 -7.98 -8.80 22.63
CA CYS E 204 -6.85 -9.41 23.31
C CYS E 204 -7.12 -10.88 23.61
N CYS E 205 -7.38 -11.64 22.55
CA CYS E 205 -7.64 -13.06 22.65
C CYS E 205 -6.28 -13.75 22.42
N GLY E 206 -5.74 -14.37 23.45
CA GLY E 206 -4.44 -15.02 23.33
C GLY E 206 -4.48 -16.34 22.58
N ASP E 207 -5.62 -16.60 21.95
CA ASP E 207 -5.81 -17.84 21.22
C ASP E 207 -5.87 -17.67 19.70
N ARG E 208 -5.47 -16.50 19.18
CA ARG E 208 -5.51 -16.30 17.75
C ARG E 208 -4.34 -17.01 17.06
N PRO E 209 -4.60 -17.63 15.90
CA PRO E 209 -3.59 -18.35 15.12
C PRO E 209 -2.40 -17.48 14.74
N GLY E 210 -1.20 -18.09 14.75
CA GLY E 210 0.01 -17.38 14.37
C GLY E 210 0.61 -16.49 15.44
N LEU E 211 -0.09 -16.32 16.56
CA LEU E 211 0.40 -15.48 17.65
C LEU E 211 1.77 -15.94 18.16
N LEU E 212 2.63 -15.00 18.48
CA LEU E 212 3.96 -15.35 18.97
C LEU E 212 4.06 -15.29 20.48
N ASN E 213 4.13 -14.07 21.01
CA ASN E 213 4.22 -13.87 22.45
C ASN E 213 2.86 -14.23 23.04
N VAL E 214 2.40 -15.45 22.73
CA VAL E 214 1.12 -15.94 23.18
C VAL E 214 1.00 -16.07 24.69
N GLY E 215 2.10 -15.80 25.40
CA GLY E 215 2.08 -15.87 26.85
C GLY E 215 1.73 -14.53 27.47
N HIS E 216 2.30 -13.47 26.93
CA HIS E 216 2.06 -12.13 27.45
C HIS E 216 0.64 -11.68 27.10
N ILE E 217 0.13 -12.18 25.98
CA ILE E 217 -1.20 -11.83 25.54
C ILE E 217 -2.23 -12.47 26.47
N GLU E 218 -1.95 -13.69 26.92
CA GLU E 218 -2.85 -14.40 27.81
C GLU E 218 -3.02 -13.71 29.15
N LYS E 219 -1.97 -13.05 29.65
CA LYS E 219 -2.11 -12.35 30.93
C LYS E 219 -2.70 -10.98 30.68
N MET E 220 -2.61 -10.51 29.43
CA MET E 220 -3.19 -9.22 29.08
C MET E 220 -4.70 -9.46 29.06
N GLN E 221 -5.11 -10.60 28.50
CA GLN E 221 -6.51 -10.99 28.42
C GLN E 221 -7.05 -11.36 29.78
N GLU E 222 -6.18 -11.89 30.63
CA GLU E 222 -6.57 -12.31 31.96
C GLU E 222 -7.05 -11.10 32.76
N GLY E 223 -6.31 -9.99 32.67
CA GLY E 223 -6.67 -8.78 33.39
C GLY E 223 -7.92 -8.06 32.89
N ILE E 224 -8.14 -8.03 31.58
CA ILE E 224 -9.32 -7.37 31.04
C ILE E 224 -10.58 -8.17 31.36
N VAL E 225 -10.50 -9.50 31.26
CA VAL E 225 -11.66 -10.34 31.56
C VAL E 225 -12.01 -10.16 33.03
N HIS E 226 -10.98 -10.04 33.87
CA HIS E 226 -11.15 -9.83 35.29
C HIS E 226 -11.99 -8.58 35.44
N VAL E 227 -11.41 -7.44 35.08
CA VAL E 227 -12.12 -6.17 35.18
C VAL E 227 -13.54 -6.24 34.63
N LEU E 228 -13.76 -7.11 33.64
CA LEU E 228 -15.09 -7.27 33.03
C LEU E 228 -16.03 -8.04 33.97
N ARG E 229 -15.52 -9.14 34.51
CA ARG E 229 -16.31 -9.97 35.42
C ARG E 229 -16.74 -9.06 36.54
N LEU E 230 -15.76 -8.52 37.24
CA LEU E 230 -16.03 -7.62 38.35
C LEU E 230 -16.99 -6.51 37.96
N HIS E 231 -16.83 -5.97 36.75
CA HIS E 231 -17.69 -4.87 36.28
C HIS E 231 -19.10 -5.31 35.97
N LEU E 232 -19.27 -6.55 35.52
CA LEU E 232 -20.62 -7.04 35.21
C LEU E 232 -21.43 -7.26 36.48
N GLN E 233 -20.81 -7.81 37.53
CA GLN E 233 -21.51 -8.05 38.79
C GLN E 233 -22.03 -6.75 39.42
N SER E 234 -21.24 -5.69 39.31
CA SER E 234 -21.56 -4.39 39.87
C SER E 234 -22.53 -3.57 39.00
N ASN E 235 -22.38 -3.66 37.68
CA ASN E 235 -23.22 -2.91 36.77
C ASN E 235 -24.60 -3.58 36.61
N HIS E 236 -24.61 -4.90 36.61
CA HIS E 236 -25.85 -5.67 36.47
C HIS E 236 -25.96 -6.75 37.56
N PRO E 237 -26.05 -6.31 38.84
CA PRO E 237 -26.15 -7.23 39.98
C PRO E 237 -27.19 -8.37 39.90
N ASP E 238 -28.31 -8.12 39.24
CA ASP E 238 -29.38 -9.11 39.12
C ASP E 238 -29.30 -10.05 37.90
N ASP E 239 -28.22 -9.95 37.14
CA ASP E 239 -28.00 -10.80 35.96
C ASP E 239 -26.76 -11.62 36.35
N ILE E 240 -26.95 -12.50 37.33
CA ILE E 240 -25.86 -13.32 37.88
C ILE E 240 -24.92 -14.00 36.89
N PHE E 241 -25.45 -14.63 35.85
CA PHE E 241 -24.58 -15.32 34.90
C PHE E 241 -24.27 -14.51 33.63
N LEU E 242 -24.34 -13.18 33.71
CA LEU E 242 -24.06 -12.33 32.54
C LEU E 242 -22.70 -12.65 31.93
N PHE E 243 -21.68 -12.80 32.78
CA PHE E 243 -20.34 -13.11 32.31
C PHE E 243 -20.35 -14.40 31.48
N PRO E 244 -20.79 -15.54 32.06
CA PRO E 244 -20.77 -16.75 31.25
C PRO E 244 -21.61 -16.61 29.99
N LYS E 245 -22.67 -15.80 30.06
CA LYS E 245 -23.53 -15.53 28.90
C LYS E 245 -22.72 -14.79 27.81
N LEU E 246 -21.86 -13.87 28.25
CA LEU E 246 -21.04 -13.08 27.34
C LEU E 246 -19.91 -13.91 26.74
N LEU E 247 -19.37 -14.82 27.53
CA LEU E 247 -18.32 -15.68 27.04
C LEU E 247 -18.89 -16.46 25.87
N GLN E 248 -20.11 -16.97 26.04
CA GLN E 248 -20.76 -17.74 24.99
C GLN E 248 -21.05 -16.86 23.78
N LYS E 249 -21.23 -15.57 23.98
CA LYS E 249 -21.51 -14.73 22.84
C LYS E 249 -20.25 -14.37 22.10
N MET E 250 -19.10 -14.60 22.73
CA MET E 250 -17.82 -14.35 22.09
C MET E 250 -17.65 -15.49 21.11
N ALA E 251 -18.13 -16.67 21.51
CA ALA E 251 -18.04 -17.86 20.67
C ALA E 251 -18.99 -17.74 19.49
N ASP E 252 -20.18 -17.21 19.73
CA ASP E 252 -21.16 -17.05 18.68
C ASP E 252 -20.64 -16.10 17.59
N LEU E 253 -20.02 -15.01 18.02
CA LEU E 253 -19.47 -14.02 17.11
C LEU E 253 -18.40 -14.64 16.21
N ARG E 254 -17.60 -15.54 16.77
CA ARG E 254 -16.54 -16.19 16.01
C ARG E 254 -17.19 -17.04 14.92
N GLN E 255 -18.25 -17.74 15.26
CA GLN E 255 -18.93 -18.57 14.28
C GLN E 255 -19.62 -17.65 13.29
N LEU E 256 -20.13 -16.53 13.79
CA LEU E 256 -20.82 -15.56 12.94
C LEU E 256 -19.84 -14.97 11.93
N VAL E 257 -18.63 -14.67 12.40
CA VAL E 257 -17.59 -14.10 11.54
C VAL E 257 -17.14 -15.11 10.51
N THR E 258 -16.96 -16.36 10.94
CA THR E 258 -16.54 -17.42 10.05
C THR E 258 -17.61 -17.56 8.96
N GLU E 259 -18.86 -17.53 9.37
CA GLU E 259 -19.98 -17.65 8.44
C GLU E 259 -20.00 -16.51 7.41
N HIS E 260 -19.78 -15.28 7.89
CA HIS E 260 -19.76 -14.09 7.05
C HIS E 260 -18.64 -14.09 6.00
N ALA E 261 -17.43 -14.45 6.43
CA ALA E 261 -16.28 -14.49 5.51
C ALA E 261 -16.57 -15.47 4.38
N GLN E 262 -17.27 -16.53 4.72
CA GLN E 262 -17.65 -17.58 3.78
C GLN E 262 -18.71 -17.03 2.82
N LEU E 263 -19.63 -16.27 3.38
CA LEU E 263 -20.69 -15.68 2.59
C LEU E 263 -20.03 -14.63 1.68
N VAL E 264 -19.16 -13.81 2.26
CA VAL E 264 -18.46 -12.79 1.50
C VAL E 264 -17.59 -13.39 0.42
N GLN E 265 -17.28 -14.68 0.56
CA GLN E 265 -16.44 -15.38 -0.41
C GLN E 265 -17.29 -15.83 -1.60
N ILE E 266 -18.57 -16.08 -1.35
CA ILE E 266 -19.47 -16.49 -2.42
C ILE E 266 -19.69 -15.27 -3.32
N ILE E 267 -19.80 -14.11 -2.69
CA ILE E 267 -20.02 -12.86 -3.42
C ILE E 267 -18.78 -12.46 -4.21
N LYS E 268 -17.62 -12.68 -3.62
CA LYS E 268 -16.34 -12.32 -4.24
C LYS E 268 -16.04 -13.07 -5.53
N LYS E 269 -16.89 -14.06 -5.86
CA LYS E 269 -16.69 -14.84 -7.07
C LYS E 269 -17.83 -14.61 -8.07
N THR E 270 -19.06 -14.67 -7.57
CA THR E 270 -20.23 -14.50 -8.42
C THR E 270 -20.51 -13.02 -8.71
N GLU E 271 -20.00 -12.13 -7.86
CA GLU E 271 -20.23 -10.71 -8.06
C GLU E 271 -18.94 -9.97 -8.40
N SER E 272 -18.62 -9.96 -9.69
CA SER E 272 -17.41 -9.30 -10.17
C SER E 272 -17.48 -7.79 -10.05
N ASP E 273 -18.67 -7.27 -9.73
CA ASP E 273 -18.82 -5.83 -9.58
C ASP E 273 -18.49 -5.37 -8.15
N ALA E 274 -18.71 -6.27 -7.20
CA ALA E 274 -18.47 -6.00 -5.79
C ALA E 274 -17.09 -6.47 -5.38
N ALA E 275 -16.19 -5.52 -5.21
CA ALA E 275 -14.83 -5.82 -4.77
C ALA E 275 -14.60 -5.18 -3.39
N LEU E 276 -13.59 -5.64 -2.66
CA LEU E 276 -13.33 -5.09 -1.34
C LEU E 276 -12.14 -4.15 -1.31
N HIS E 277 -12.20 -3.20 -0.37
CA HIS E 277 -11.13 -2.25 -0.16
C HIS E 277 -9.91 -3.10 0.22
N PRO E 278 -8.70 -2.70 -0.22
CA PRO E 278 -7.50 -3.46 0.11
C PRO E 278 -7.26 -3.73 1.61
N LEU E 279 -7.71 -2.84 2.48
CA LEU E 279 -7.51 -3.08 3.91
C LEU E 279 -8.31 -4.31 4.33
N LEU E 280 -9.55 -4.41 3.85
CA LEU E 280 -10.40 -5.53 4.20
C LEU E 280 -9.95 -6.79 3.48
N GLN E 281 -9.31 -6.60 2.33
CA GLN E 281 -8.81 -7.69 1.49
C GLN E 281 -7.71 -8.45 2.24
N GLU E 282 -6.84 -7.71 2.95
CA GLU E 282 -5.77 -8.39 3.67
C GLU E 282 -6.28 -9.05 4.95
N ILE E 283 -7.34 -8.50 5.52
CA ILE E 283 -7.90 -9.06 6.74
C ILE E 283 -8.48 -10.45 6.44
N TYR E 284 -9.38 -10.52 5.47
CA TYR E 284 -10.01 -11.78 5.07
C TYR E 284 -9.03 -12.82 4.57
N ARG E 285 -7.98 -12.36 3.92
CA ARG E 285 -6.93 -13.23 3.35
C ARG E 285 -6.27 -14.15 4.38
N ASP E 286 -6.34 -15.45 4.10
CA ASP E 286 -5.77 -16.49 4.97
C ASP E 286 -6.43 -16.57 6.34
N MET E 287 -7.57 -15.90 6.52
CA MET E 287 -8.24 -15.91 7.81
C MET E 287 -8.78 -17.31 8.12
N TYR E 288 -9.91 -17.64 7.51
CA TYR E 288 -10.53 -18.95 7.68
C TYR E 288 -10.90 -19.55 6.33
N GLU F 6 0.88 -12.95 3.93
CA GLU F 6 0.16 -12.01 4.85
C GLU F 6 0.49 -10.55 4.52
N ARG F 7 1.68 -10.13 4.95
CA ARG F 7 2.17 -8.77 4.74
C ARG F 7 1.39 -7.77 5.58
N HIS F 8 0.08 -7.68 5.35
CA HIS F 8 -0.80 -6.74 6.07
C HIS F 8 -0.16 -5.35 6.15
N LYS F 9 0.36 -4.89 5.03
CA LYS F 9 1.01 -3.57 4.94
C LYS F 9 0.12 -2.42 5.40
N ILE F 10 -1.15 -2.43 4.99
CA ILE F 10 -2.07 -1.35 5.36
C ILE F 10 -2.40 -1.41 6.85
N LEU F 11 -2.64 -2.61 7.36
CA LEU F 11 -2.93 -2.78 8.79
C LEU F 11 -1.70 -2.33 9.57
N HIS F 12 -0.53 -2.67 9.03
CA HIS F 12 0.78 -2.32 9.61
C HIS F 12 0.98 -0.80 9.66
N ARG F 13 0.58 -0.10 8.60
CA ARG F 13 0.75 1.36 8.58
C ARG F 13 -0.20 2.04 9.54
N LEU F 14 -1.34 1.44 9.77
CA LEU F 14 -2.31 2.01 10.70
C LEU F 14 -1.77 1.86 12.12
N LEU F 15 -1.00 0.80 12.35
CA LEU F 15 -0.44 0.55 13.67
C LEU F 15 0.84 1.34 14.00
N GLN F 16 1.63 1.69 13.00
CA GLN F 16 2.87 2.43 13.25
C GLN F 16 2.62 3.84 13.78
N GLU F 17 1.71 4.56 13.13
CA GLU F 17 1.38 5.93 13.54
C GLU F 17 -0.12 6.11 13.76
N GLY F 18 -0.83 6.44 12.68
CA GLY F 18 -2.26 6.64 12.74
C GLY F 18 -2.97 6.08 11.53
N ASP G 22 -11.98 18.33 46.04
CA ASP G 22 -13.19 18.81 45.32
C ASP G 22 -12.77 19.76 44.21
N LEU G 23 -12.19 20.89 44.60
CA LEU G 23 -11.73 21.87 43.63
C LEU G 23 -10.44 21.40 42.97
N LYS G 24 -9.61 20.70 43.73
CA LYS G 24 -8.35 20.20 43.20
C LYS G 24 -8.60 18.96 42.34
N SER G 25 -9.72 18.27 42.60
CA SER G 25 -10.08 17.09 41.83
C SER G 25 -10.76 17.53 40.54
N LEU G 26 -10.78 18.84 40.34
CA LEU G 26 -11.38 19.47 39.18
C LEU G 26 -10.36 19.57 38.04
N ALA G 27 -9.12 19.88 38.40
CA ALA G 27 -8.05 20.03 37.41
C ALA G 27 -7.85 18.82 36.48
N LYS G 28 -7.95 17.62 37.05
CA LYS G 28 -7.76 16.42 36.25
C LYS G 28 -9.04 16.06 35.50
N ARG G 29 -10.15 16.66 35.93
CA ARG G 29 -11.45 16.44 35.32
C ARG G 29 -11.43 17.23 34.00
N ILE G 30 -11.11 18.51 34.11
CA ILE G 30 -11.02 19.39 32.97
C ILE G 30 -10.01 18.83 31.97
N TYR G 31 -8.82 18.51 32.46
CA TYR G 31 -7.78 17.99 31.60
C TYR G 31 -8.25 16.78 30.80
N GLU G 32 -9.04 15.91 31.43
CA GLU G 32 -9.55 14.72 30.75
C GLU G 32 -10.56 15.12 29.65
N ALA G 33 -11.35 16.16 29.90
CA ALA G 33 -12.34 16.63 28.94
C ALA G 33 -11.64 17.22 27.70
N TYR G 34 -10.45 17.73 27.92
CA TYR G 34 -9.65 18.36 26.89
C TYR G 34 -8.98 17.31 26.00
N LEU G 35 -8.43 16.28 26.63
CA LEU G 35 -7.77 15.21 25.87
C LEU G 35 -8.81 14.53 24.99
N LYS G 36 -10.02 14.42 25.53
CA LYS G 36 -11.13 13.75 24.84
C LYS G 36 -11.72 14.56 23.67
N ASN G 37 -12.19 15.77 23.97
CA ASN G 37 -12.83 16.60 22.97
C ASN G 37 -11.98 17.27 21.90
N PHE G 38 -10.66 17.13 21.97
CA PHE G 38 -9.81 17.75 20.97
C PHE G 38 -8.89 16.77 20.25
N ASN G 39 -8.91 16.80 18.92
CA ASN G 39 -8.09 15.90 18.14
C ASN G 39 -6.60 16.22 18.24
N MET G 40 -6.22 17.45 17.87
CA MET G 40 -4.82 17.84 17.95
C MET G 40 -4.48 18.47 19.29
N ASN G 41 -3.32 18.15 19.81
CA ASN G 41 -2.86 18.72 21.07
C ASN G 41 -1.37 19.03 20.98
N LYS G 42 -0.91 19.91 21.86
CA LYS G 42 0.48 20.34 21.88
C LYS G 42 1.52 19.25 21.67
N VAL G 43 1.37 18.13 22.36
CA VAL G 43 2.33 17.03 22.26
C VAL G 43 2.44 16.43 20.87
N LYS G 44 1.31 16.16 20.24
CA LYS G 44 1.33 15.60 18.89
C LYS G 44 1.93 16.65 17.92
N ALA G 45 1.49 17.89 18.05
CA ALA G 45 1.96 18.99 17.18
C ALA G 45 3.47 19.17 17.25
N ARG G 46 3.98 19.21 18.47
CA ARG G 46 5.41 19.39 18.70
C ARG G 46 6.26 18.23 18.16
N VAL G 47 5.72 17.02 18.18
CA VAL G 47 6.43 15.87 17.64
C VAL G 47 6.66 16.19 16.15
N ILE G 48 5.57 16.29 15.41
CA ILE G 48 5.63 16.61 13.98
C ILE G 48 6.48 17.83 13.69
N LEU G 49 6.16 18.97 14.31
CA LEU G 49 6.88 20.21 14.08
C LEU G 49 8.38 20.11 14.32
N SER G 50 8.87 18.89 14.52
CA SER G 50 10.28 18.64 14.76
C SER G 50 10.37 17.26 15.40
N GLY G 51 10.01 16.23 14.62
CA GLY G 51 10.04 14.87 15.13
C GLY G 51 10.88 13.94 14.28
N LYS G 52 10.89 14.23 12.98
CA LYS G 52 11.63 13.51 11.94
C LYS G 52 12.15 12.09 12.18
N ALA G 53 11.79 11.47 13.30
CA ALA G 53 12.26 10.12 13.64
C ALA G 53 11.92 9.10 12.54
N SER G 54 10.65 8.67 12.50
CA SER G 54 10.20 7.73 11.47
C SER G 54 10.19 8.56 10.19
N ASN G 55 9.24 9.50 10.13
CA ASN G 55 9.10 10.41 8.99
C ASN G 55 7.79 11.20 8.99
N ASN G 56 7.00 11.01 7.93
CA ASN G 56 5.75 11.72 7.73
C ASN G 56 5.92 13.24 7.79
N PRO G 57 7.07 13.78 7.33
CA PRO G 57 7.28 15.23 7.36
C PRO G 57 6.22 15.83 6.46
N PRO G 58 5.41 16.75 6.99
CA PRO G 58 4.32 17.43 6.28
C PRO G 58 4.67 18.16 5.00
N PHE G 59 3.72 18.07 4.05
CA PHE G 59 3.82 18.72 2.75
C PHE G 59 3.85 20.25 3.01
N VAL G 60 4.83 20.92 2.42
CA VAL G 60 4.97 22.35 2.62
C VAL G 60 4.22 23.23 1.61
N ILE G 61 3.23 24.00 2.11
CA ILE G 61 2.49 24.91 1.23
C ILE G 61 3.21 26.24 1.34
N HIS G 62 3.91 26.65 0.28
CA HIS G 62 4.67 27.89 0.31
C HIS G 62 4.48 28.79 -0.90
N ASP G 63 3.52 28.46 -1.75
CA ASP G 63 3.24 29.26 -2.94
C ASP G 63 1.94 28.76 -3.56
N MET G 64 1.54 29.37 -4.66
CA MET G 64 0.31 28.98 -5.36
C MET G 64 0.34 27.55 -5.86
N GLU G 65 1.49 27.16 -6.38
CA GLU G 65 1.67 25.82 -6.91
C GLU G 65 1.39 24.77 -5.85
N THR G 66 2.16 24.81 -4.76
CA THR G 66 1.97 23.85 -3.69
C THR G 66 0.59 23.98 -3.05
N LEU G 67 0.02 25.18 -3.07
CA LEU G 67 -1.32 25.36 -2.51
C LEU G 67 -2.32 24.52 -3.28
N CYS G 68 -2.27 24.62 -4.62
CA CYS G 68 -3.17 23.88 -5.49
C CYS G 68 -2.96 22.38 -5.33
N MET G 69 -1.71 21.97 -5.29
CA MET G 69 -1.35 20.55 -5.12
C MET G 69 -1.98 19.98 -3.85
N ALA G 70 -1.97 20.77 -2.78
CA ALA G 70 -2.53 20.35 -1.50
C ALA G 70 -4.04 20.23 -1.62
N GLU G 71 -4.65 21.16 -2.35
CA GLU G 71 -6.09 21.13 -2.53
C GLU G 71 -6.49 20.05 -3.53
N LYS G 72 -5.50 19.45 -4.15
CA LYS G 72 -5.74 18.37 -5.11
C LYS G 72 -5.94 17.08 -4.34
N THR G 73 -5.36 17.01 -3.15
CA THR G 73 -5.49 15.82 -2.32
C THR G 73 -6.62 16.00 -1.33
N LEU G 74 -6.72 17.19 -0.76
CA LEU G 74 -7.75 17.47 0.21
C LEU G 74 -9.13 17.47 -0.39
N VAL G 75 -9.20 17.66 -1.72
CA VAL G 75 -10.48 17.69 -2.40
C VAL G 75 -10.42 17.58 -3.90
N ALA G 76 -11.48 16.99 -4.45
CA ALA G 76 -11.66 16.88 -5.89
C ALA G 76 -12.83 17.85 -5.96
N LYS G 77 -12.80 18.78 -5.00
CA LYS G 77 -13.81 19.83 -4.81
C LYS G 77 -13.24 21.25 -4.93
N LEU G 78 -12.03 21.47 -4.41
CA LEU G 78 -11.37 22.78 -4.51
C LEU G 78 -10.26 22.71 -5.56
N VAL G 79 -10.34 21.71 -6.43
CA VAL G 79 -9.36 21.48 -7.51
C VAL G 79 -10.05 20.88 -8.75
N ALA G 80 -11.35 20.61 -8.64
CA ALA G 80 -12.10 20.03 -9.75
C ALA G 80 -13.48 20.65 -10.01
N ASN G 81 -14.03 21.38 -9.03
CA ASN G 81 -15.35 21.98 -9.20
C ASN G 81 -15.37 23.52 -9.31
N GLY G 82 -14.59 24.06 -10.25
CA GLY G 82 -14.55 25.50 -10.45
C GLY G 82 -13.87 26.30 -9.36
N ILE G 83 -13.99 25.83 -8.12
CA ILE G 83 -13.39 26.50 -6.98
C ILE G 83 -11.87 26.49 -7.12
N GLN G 84 -11.38 25.62 -8.00
CA GLN G 84 -9.95 25.47 -8.24
C GLN G 84 -9.30 26.78 -8.65
N ASN G 85 -10.10 27.72 -9.15
CA ASN G 85 -9.56 29.01 -9.57
C ASN G 85 -10.23 30.26 -8.97
N LYS G 86 -10.73 30.12 -7.75
CA LYS G 86 -11.30 31.25 -7.03
C LYS G 86 -10.04 31.72 -6.36
N GLU G 87 -9.82 33.02 -6.27
CA GLU G 87 -8.60 33.52 -5.65
C GLU G 87 -8.17 32.73 -4.40
N ALA G 88 -6.86 32.54 -4.24
CA ALA G 88 -6.31 31.80 -3.12
C ALA G 88 -6.88 32.27 -1.78
N GLU G 89 -6.78 33.56 -1.54
CA GLU G 89 -7.25 34.17 -0.30
C GLU G 89 -8.62 33.67 0.14
N VAL G 90 -9.52 33.45 -0.80
CA VAL G 90 -10.87 32.97 -0.50
C VAL G 90 -10.88 31.47 -0.19
N ARG G 91 -10.01 30.73 -0.85
CA ARG G 91 -9.95 29.29 -0.60
C ARG G 91 -9.33 29.02 0.78
N ILE G 92 -8.29 29.79 1.10
CA ILE G 92 -7.62 29.66 2.39
C ILE G 92 -8.60 30.08 3.48
N PHE G 93 -9.34 31.15 3.21
CA PHE G 93 -10.33 31.66 4.15
C PHE G 93 -11.37 30.57 4.43
N HIS G 94 -11.67 29.76 3.44
CA HIS G 94 -12.65 28.70 3.61
C HIS G 94 -12.08 27.57 4.46
N CYS G 95 -10.80 27.26 4.25
CA CYS G 95 -10.13 26.21 5.01
C CYS G 95 -9.95 26.59 6.49
N CYS G 96 -9.76 27.87 6.78
CA CYS G 96 -9.57 28.27 8.17
C CYS G 96 -10.89 28.14 8.91
N GLN G 97 -11.94 28.39 8.15
CA GLN G 97 -13.31 28.36 8.63
C GLN G 97 -13.74 26.96 8.96
N CYS G 98 -13.34 26.03 8.11
CA CYS G 98 -13.65 24.61 8.36
C CYS G 98 -12.98 24.34 9.72
N THR G 99 -11.77 24.87 9.90
CA THR G 99 -11.05 24.69 11.17
C THR G 99 -11.80 25.31 12.34
N SER G 100 -12.30 26.55 12.19
CA SER G 100 -13.06 27.22 13.24
C SER G 100 -14.35 26.52 13.63
N VAL G 101 -15.12 26.09 12.63
CA VAL G 101 -16.38 25.41 12.92
C VAL G 101 -16.12 24.14 13.72
N GLU G 102 -15.21 23.29 13.26
CA GLU G 102 -14.90 22.05 13.97
C GLU G 102 -14.36 22.30 15.38
N THR G 103 -13.54 23.34 15.54
CA THR G 103 -12.95 23.68 16.83
C THR G 103 -14.00 24.27 17.78
N VAL G 104 -14.94 25.02 17.22
CA VAL G 104 -16.01 25.60 18.03
C VAL G 104 -16.89 24.49 18.57
N THR G 105 -17.04 23.43 17.78
CA THR G 105 -17.87 22.30 18.20
C THR G 105 -17.14 21.51 19.29
N GLU G 106 -15.84 21.31 19.09
CA GLU G 106 -15.04 20.56 20.06
C GLU G 106 -15.03 21.32 21.39
N LEU G 107 -15.02 22.65 21.32
CA LEU G 107 -15.00 23.49 22.52
C LEU G 107 -16.33 23.38 23.25
N THR G 108 -17.42 23.47 22.49
CA THR G 108 -18.76 23.36 23.07
C THR G 108 -18.88 22.06 23.88
N GLU G 109 -18.36 20.98 23.32
CA GLU G 109 -18.39 19.68 23.98
C GLU G 109 -17.39 19.66 25.14
N PHE G 110 -16.31 20.42 25.04
CA PHE G 110 -15.32 20.49 26.12
C PHE G 110 -15.90 21.32 27.27
N ALA G 111 -16.75 22.29 26.94
CA ALA G 111 -17.38 23.14 27.93
C ALA G 111 -18.44 22.38 28.72
N LYS G 112 -19.11 21.45 28.04
CA LYS G 112 -20.17 20.64 28.65
C LYS G 112 -19.59 19.72 29.73
N ALA G 113 -18.29 19.48 29.64
CA ALA G 113 -17.61 18.62 30.60
C ALA G 113 -16.90 19.41 31.70
N ILE G 114 -17.17 20.71 31.76
CA ILE G 114 -16.57 21.55 32.80
C ILE G 114 -17.57 21.59 33.94
N PRO G 115 -17.23 20.98 35.08
CA PRO G 115 -18.11 20.95 36.26
C PRO G 115 -18.85 22.25 36.51
N GLY G 116 -20.16 22.24 36.26
CA GLY G 116 -20.97 23.43 36.49
C GLY G 116 -21.42 24.21 35.26
N PHE G 117 -20.74 24.01 34.13
CA PHE G 117 -21.08 24.72 32.91
C PHE G 117 -22.43 24.27 32.35
N ALA G 118 -22.62 22.96 32.26
CA ALA G 118 -23.86 22.40 31.74
C ALA G 118 -25.05 22.79 32.63
N ASN G 119 -24.74 23.24 33.84
CA ASN G 119 -25.77 23.66 34.81
C ASN G 119 -26.25 25.08 34.59
N LEU G 120 -25.38 25.97 34.14
CA LEU G 120 -25.75 27.35 33.87
C LEU G 120 -27.01 27.30 32.99
N ASP G 121 -27.73 28.42 32.88
CA ASP G 121 -28.93 28.43 32.05
C ASP G 121 -28.48 28.33 30.59
N LEU G 122 -29.41 28.47 29.64
CA LEU G 122 -29.08 28.35 28.24
C LEU G 122 -28.39 29.55 27.59
N ASN G 123 -28.87 30.76 27.87
CA ASN G 123 -28.28 31.95 27.27
C ASN G 123 -26.91 32.31 27.86
N ASP G 124 -26.71 32.03 29.14
CA ASP G 124 -25.44 32.34 29.74
C ASP G 124 -24.33 31.51 29.12
N GLN G 125 -24.68 30.35 28.59
CA GLN G 125 -23.69 29.50 27.96
C GLN G 125 -23.42 30.10 26.59
N VAL G 126 -24.48 30.23 25.80
CA VAL G 126 -24.38 30.82 24.47
C VAL G 126 -23.40 31.99 24.53
N THR G 127 -23.56 32.80 25.57
CA THR G 127 -22.71 33.97 25.76
C THR G 127 -21.25 33.56 25.97
N LEU G 128 -21.00 32.75 26.98
CA LEU G 128 -19.64 32.31 27.28
C LEU G 128 -18.94 31.80 26.04
N LEU G 129 -19.56 30.85 25.35
CA LEU G 129 -18.97 30.31 24.14
C LEU G 129 -18.82 31.39 23.07
N LYS G 130 -19.85 32.22 22.95
CA LYS G 130 -19.84 33.31 21.97
C LYS G 130 -18.61 34.21 22.05
N TYR G 131 -18.15 34.52 23.25
CA TYR G 131 -17.00 35.41 23.41
C TYR G 131 -15.66 34.76 23.63
N GLY G 132 -15.66 33.52 24.12
CA GLY G 132 -14.39 32.86 24.41
C GLY G 132 -13.81 31.93 23.36
N VAL G 133 -14.64 31.44 22.46
CA VAL G 133 -14.20 30.51 21.45
C VAL G 133 -12.96 30.99 20.66
N TYR G 134 -12.96 32.23 20.19
CA TYR G 134 -11.81 32.72 19.43
C TYR G 134 -10.57 32.92 20.28
N GLU G 135 -10.75 33.27 21.53
CA GLU G 135 -9.62 33.46 22.42
C GLU G 135 -9.04 32.06 22.64
N ALA G 136 -9.93 31.06 22.69
CA ALA G 136 -9.53 29.67 22.89
C ALA G 136 -8.81 29.17 21.64
N ILE G 137 -9.45 29.40 20.50
CA ILE G 137 -8.91 28.99 19.20
C ILE G 137 -7.51 29.51 18.94
N PHE G 138 -7.29 30.80 19.17
CA PHE G 138 -5.98 31.37 18.96
C PHE G 138 -4.96 30.89 20.00
N ALA G 139 -5.44 30.54 21.18
CA ALA G 139 -4.56 30.06 22.23
C ALA G 139 -4.08 28.66 21.83
N MET G 140 -5.02 27.81 21.42
CA MET G 140 -4.70 26.45 21.02
C MET G 140 -3.92 26.38 19.70
N LEU G 141 -4.19 27.30 18.78
CA LEU G 141 -3.48 27.31 17.49
C LEU G 141 -1.98 27.63 17.62
N SER G 142 -1.60 28.27 18.71
CA SER G 142 -0.19 28.60 18.88
C SER G 142 0.59 27.30 18.93
N SER G 143 0.01 26.27 19.57
CA SER G 143 0.68 24.97 19.66
C SER G 143 1.19 24.50 18.30
N VAL G 144 0.43 24.73 17.22
CA VAL G 144 0.85 24.26 15.92
C VAL G 144 1.59 25.26 15.07
N MET G 145 2.00 26.38 15.66
CA MET G 145 2.71 27.41 14.91
C MET G 145 4.15 27.55 15.38
N ASN G 146 5.01 27.97 14.47
CA ASN G 146 6.41 28.24 14.79
C ASN G 146 6.83 29.45 13.96
N LYS G 147 8.04 29.95 14.17
CA LYS G 147 8.54 31.13 13.47
C LYS G 147 8.46 31.11 11.95
N ASP G 148 8.42 29.93 11.34
CA ASP G 148 8.37 29.84 9.88
C ASP G 148 7.04 29.45 9.29
N GLY G 149 6.06 29.18 10.15
CA GLY G 149 4.77 28.79 9.64
C GLY G 149 3.99 27.96 10.64
N MET G 150 3.04 27.18 10.15
CA MET G 150 2.24 26.38 11.04
C MET G 150 1.66 25.12 10.37
N LEU G 151 1.30 24.16 11.19
CA LEU G 151 0.72 22.93 10.71
C LEU G 151 -0.71 23.18 10.21
N VAL G 152 -1.08 22.49 9.14
CA VAL G 152 -2.44 22.56 8.62
C VAL G 152 -2.91 21.12 8.38
N ALA G 153 -4.22 20.94 8.20
CA ALA G 153 -4.81 19.64 7.92
C ALA G 153 -4.36 18.50 8.84
N TYR G 154 -4.65 18.65 10.13
CA TYR G 154 -4.32 17.64 11.11
C TYR G 154 -2.84 17.24 11.14
N GLY G 155 -1.95 18.22 10.97
CA GLY G 155 -0.52 17.94 11.02
C GLY G 155 0.05 17.39 9.73
N ASN G 156 -0.83 17.16 8.76
CA ASN G 156 -0.44 16.62 7.48
C ASN G 156 0.32 17.64 6.63
N GLY G 157 -0.10 18.90 6.70
CA GLY G 157 0.57 19.93 5.92
C GLY G 157 1.21 21.00 6.79
N PHE G 158 1.89 21.94 6.14
CA PHE G 158 2.56 23.05 6.82
C PHE G 158 2.57 24.25 5.87
N ILE G 159 1.88 25.32 6.26
CA ILE G 159 1.80 26.53 5.44
C ILE G 159 2.80 27.56 5.98
N THR G 160 3.68 28.06 5.12
CA THR G 160 4.71 29.00 5.58
C THR G 160 4.23 30.41 5.88
N ARG G 161 4.85 30.99 6.88
CA ARG G 161 4.53 32.34 7.32
C ARG G 161 4.69 33.31 6.18
N GLU G 162 5.79 33.19 5.46
CA GLU G 162 6.08 34.06 4.33
C GLU G 162 5.00 34.04 3.26
N PHE G 163 4.53 32.85 2.91
CA PHE G 163 3.49 32.73 1.90
C PHE G 163 2.23 33.46 2.32
N LEU G 164 1.92 33.44 3.62
CA LEU G 164 0.73 34.13 4.09
C LEU G 164 0.85 35.65 3.95
N LYS G 165 2.05 36.19 4.16
CA LYS G 165 2.27 37.64 4.06
C LYS G 165 2.30 38.08 2.60
N SER G 166 2.47 37.13 1.68
CA SER G 166 2.53 37.44 0.26
C SER G 166 1.14 37.56 -0.34
N LEU G 167 0.14 37.19 0.45
CA LEU G 167 -1.24 37.25 -0.02
C LEU G 167 -1.67 38.69 -0.20
N ARG G 168 -2.83 38.85 -0.85
CA ARG G 168 -3.43 40.15 -1.12
C ARG G 168 -3.99 40.77 0.16
N LYS G 169 -3.73 42.06 0.35
CA LYS G 169 -4.18 42.83 1.51
C LYS G 169 -5.71 42.87 1.45
N PRO G 170 -6.40 42.75 2.60
CA PRO G 170 -5.99 42.61 4.00
C PRO G 170 -5.49 41.21 4.37
N PHE G 171 -5.92 40.21 3.61
CA PHE G 171 -5.56 38.81 3.85
C PHE G 171 -4.15 38.55 4.36
N CYS G 172 -3.18 39.32 3.89
CA CYS G 172 -1.80 39.13 4.30
C CYS G 172 -1.50 39.70 5.69
N ASP G 173 -2.48 40.34 6.30
CA ASP G 173 -2.27 40.94 7.61
C ASP G 173 -2.92 40.14 8.72
N ILE G 174 -3.79 39.21 8.33
CA ILE G 174 -4.54 38.39 9.27
C ILE G 174 -3.74 37.53 10.25
N MET G 175 -2.77 36.78 9.75
CA MET G 175 -2.00 35.86 10.59
C MET G 175 -0.73 36.32 11.28
N GLU G 176 -0.08 37.36 10.75
CA GLU G 176 1.15 37.85 11.36
C GLU G 176 0.99 38.09 12.84
N PRO G 177 -0.03 38.87 13.24
CA PRO G 177 -0.20 39.09 14.67
C PRO G 177 -0.37 37.80 15.47
N LYS G 178 -0.94 36.77 14.87
CA LYS G 178 -1.10 35.49 15.55
C LYS G 178 0.27 34.85 15.71
N PHE G 179 1.15 35.04 14.73
CA PHE G 179 2.49 34.48 14.83
C PHE G 179 3.27 35.18 15.95
N ASP G 180 3.09 36.49 16.10
CA ASP G 180 3.78 37.25 17.16
C ASP G 180 3.31 36.77 18.53
N PHE G 181 2.00 36.57 18.70
CA PHE G 181 1.49 36.10 19.99
C PHE G 181 1.94 34.65 20.25
N ALA G 182 1.89 33.83 19.21
CA ALA G 182 2.30 32.43 19.28
C ALA G 182 3.74 32.25 19.76
N MET G 183 4.66 33.05 19.21
CA MET G 183 6.07 32.94 19.59
C MET G 183 6.32 33.25 21.06
N LYS G 184 5.63 34.24 21.60
CA LYS G 184 5.78 34.62 23.01
C LYS G 184 5.01 33.63 23.90
N PHE G 185 3.86 33.20 23.44
CA PHE G 185 3.06 32.25 24.21
C PHE G 185 3.77 30.91 24.25
N ASN G 186 4.35 30.50 23.12
CA ASN G 186 5.04 29.22 23.06
C ASN G 186 6.31 29.22 23.90
N ALA G 187 6.92 30.40 24.03
CA ALA G 187 8.13 30.54 24.82
C ALA G 187 7.82 30.25 26.28
N LEU G 188 6.53 30.25 26.62
CA LEU G 188 6.08 29.95 27.98
C LEU G 188 6.25 28.46 28.29
N GLU G 189 6.47 27.66 27.25
CA GLU G 189 6.69 26.22 27.39
C GLU G 189 5.59 25.48 28.14
N LEU G 190 4.35 25.88 27.91
CA LEU G 190 3.19 25.26 28.52
C LEU G 190 2.93 23.88 27.91
N ASP G 191 2.35 22.97 28.70
CA ASP G 191 1.99 21.66 28.16
C ASP G 191 0.46 21.54 28.17
N ASP G 192 -0.05 20.40 27.71
CA ASP G 192 -1.51 20.23 27.65
C ASP G 192 -2.26 20.30 28.98
N SER G 193 -1.63 19.89 30.08
CA SER G 193 -2.33 20.01 31.35
C SER G 193 -2.55 21.49 31.64
N ASP G 194 -1.53 22.31 31.36
CA ASP G 194 -1.63 23.75 31.56
C ASP G 194 -2.73 24.35 30.68
N ILE G 195 -2.56 24.18 29.38
CA ILE G 195 -3.46 24.68 28.36
C ILE G 195 -4.93 24.37 28.63
N SER G 196 -5.23 23.12 28.97
CA SER G 196 -6.62 22.72 29.24
C SER G 196 -7.25 23.65 30.27
N LEU G 197 -6.53 23.89 31.36
CA LEU G 197 -7.00 24.76 32.44
C LEU G 197 -7.14 26.20 31.97
N PHE G 198 -6.16 26.66 31.18
CA PHE G 198 -6.16 28.02 30.65
C PHE G 198 -7.43 28.21 29.81
N VAL G 199 -7.69 27.26 28.91
CA VAL G 199 -8.87 27.38 28.07
C VAL G 199 -10.16 27.30 28.88
N ALA G 200 -10.16 26.51 29.94
CA ALA G 200 -11.36 26.40 30.78
C ALA G 200 -11.64 27.79 31.38
N ALA G 201 -10.56 28.47 31.79
CA ALA G 201 -10.66 29.80 32.39
C ALA G 201 -11.05 30.89 31.41
N ILE G 202 -10.58 30.82 30.17
CA ILE G 202 -10.94 31.86 29.22
C ILE G 202 -12.44 31.75 28.93
N ILE G 203 -12.94 30.53 28.89
CA ILE G 203 -14.36 30.26 28.63
C ILE G 203 -15.31 30.66 29.75
N CYS G 204 -14.90 30.43 30.99
CA CYS G 204 -15.72 30.79 32.15
C CYS G 204 -15.31 32.20 32.59
N CYS G 205 -15.74 33.20 31.83
CA CYS G 205 -15.41 34.59 32.11
C CYS G 205 -16.62 35.39 32.59
N GLY G 206 -16.71 35.65 33.90
CA GLY G 206 -17.82 36.41 34.43
C GLY G 206 -17.75 37.87 34.02
N ASP G 207 -17.17 38.12 32.86
CA ASP G 207 -17.01 39.48 32.36
C ASP G 207 -17.74 39.67 31.04
N ARG G 208 -17.96 38.57 30.33
CA ARG G 208 -18.65 38.60 29.04
C ARG G 208 -19.93 39.43 29.04
N PRO G 209 -20.24 40.06 27.91
CA PRO G 209 -21.42 40.92 27.70
C PRO G 209 -22.74 40.16 27.63
N GLY G 210 -23.69 40.57 28.46
CA GLY G 210 -24.99 39.94 28.45
C GLY G 210 -25.11 38.77 29.40
N LEU G 211 -24.09 38.54 30.22
CA LEU G 211 -24.15 37.45 31.18
C LEU G 211 -25.26 37.70 32.19
N LEU G 212 -26.23 36.80 32.22
CA LEU G 212 -27.34 36.94 33.16
C LEU G 212 -26.82 36.81 34.58
N ASN G 213 -26.56 35.57 34.99
CA ASN G 213 -26.10 35.26 36.33
C ASN G 213 -24.60 35.42 36.53
N VAL G 214 -24.12 36.66 36.46
CA VAL G 214 -22.69 36.95 36.62
C VAL G 214 -22.23 36.73 38.06
N GLY G 215 -22.86 35.79 38.74
CA GLY G 215 -22.51 35.51 40.12
C GLY G 215 -21.91 34.14 40.26
N HIS G 216 -22.58 33.15 39.66
CA HIS G 216 -22.11 31.77 39.70
C HIS G 216 -20.86 31.69 38.84
N ILE G 217 -20.96 32.25 37.64
CA ILE G 217 -19.84 32.25 36.71
C ILE G 217 -18.57 32.78 37.36
N GLU G 218 -18.65 33.92 38.03
CA GLU G 218 -17.48 34.50 38.69
C GLU G 218 -16.85 33.53 39.70
N LYS G 219 -17.69 32.79 40.42
CA LYS G 219 -17.20 31.83 41.40
C LYS G 219 -16.64 30.59 40.72
N MET G 220 -17.20 30.23 39.57
CA MET G 220 -16.70 29.07 38.84
C MET G 220 -15.28 29.38 38.35
N GLN G 221 -15.10 30.62 37.90
CA GLN G 221 -13.80 31.08 37.38
C GLN G 221 -12.77 31.16 38.50
N GLU G 222 -13.16 31.69 39.65
CA GLU G 222 -12.24 31.81 40.77
C GLU G 222 -11.66 30.42 41.10
N GLY G 223 -12.50 29.40 41.04
CA GLY G 223 -12.05 28.05 41.31
C GLY G 223 -11.13 27.51 40.22
N ILE G 224 -11.52 27.72 38.96
CA ILE G 224 -10.70 27.26 37.84
C ILE G 224 -9.36 27.96 37.90
N VAL G 225 -9.42 29.28 38.05
CA VAL G 225 -8.23 30.11 38.13
C VAL G 225 -7.34 29.74 39.32
N HIS G 226 -7.97 29.47 40.44
CA HIS G 226 -7.25 29.09 41.65
C HIS G 226 -6.43 27.84 41.35
N VAL G 227 -7.11 26.82 40.82
CA VAL G 227 -6.48 25.56 40.46
C VAL G 227 -5.35 25.72 39.42
N LEU G 228 -5.56 26.59 38.44
CA LEU G 228 -4.54 26.84 37.42
C LEU G 228 -3.29 27.37 38.13
N ARG G 229 -3.50 28.26 39.09
CA ARG G 229 -2.40 28.86 39.87
C ARG G 229 -1.59 27.77 40.56
N LEU G 230 -2.25 26.96 41.37
CA LEU G 230 -1.55 25.87 42.06
C LEU G 230 -0.93 24.91 41.06
N HIS G 231 -1.67 24.60 39.99
CA HIS G 231 -1.15 23.69 38.97
C HIS G 231 0.19 24.20 38.42
N LEU G 232 0.22 25.48 38.04
CA LEU G 232 1.43 26.09 37.51
C LEU G 232 2.54 26.13 38.55
N GLN G 233 2.16 26.27 39.81
CA GLN G 233 3.11 26.30 40.93
C GLN G 233 3.99 25.05 41.00
N SER G 234 3.36 23.88 40.93
CA SER G 234 4.10 22.63 40.97
C SER G 234 4.59 22.18 39.59
N ASN G 235 3.76 22.35 38.57
CA ASN G 235 4.12 21.94 37.21
C ASN G 235 5.31 22.73 36.67
N HIS G 236 5.40 24.01 37.04
CA HIS G 236 6.48 24.89 36.58
C HIS G 236 7.15 25.66 37.73
N PRO G 237 7.85 24.95 38.63
CA PRO G 237 8.51 25.62 39.75
C PRO G 237 9.61 26.61 39.35
N ASP G 238 10.14 26.47 38.15
CA ASP G 238 11.20 27.37 37.72
C ASP G 238 10.68 28.73 37.27
N ASP G 239 9.47 28.75 36.70
CA ASP G 239 8.84 29.98 36.21
C ASP G 239 7.92 30.46 37.32
N ILE G 240 8.50 31.03 38.36
CA ILE G 240 7.72 31.49 39.50
C ILE G 240 6.59 32.48 39.14
N PHE G 241 6.78 33.33 38.14
CA PHE G 241 5.72 34.28 37.76
C PHE G 241 4.87 33.88 36.54
N LEU G 242 4.93 32.60 36.14
CA LEU G 242 4.17 32.11 34.98
C LEU G 242 2.66 32.40 35.04
N PHE G 243 2.04 32.24 36.21
CA PHE G 243 0.60 32.50 36.30
C PHE G 243 0.26 33.92 35.85
N PRO G 244 0.91 34.95 36.42
CA PRO G 244 0.61 36.32 36.00
C PRO G 244 0.93 36.54 34.52
N LYS G 245 1.95 35.85 34.01
CA LYS G 245 2.31 35.96 32.59
C LYS G 245 1.13 35.48 31.75
N LEU G 246 0.46 34.43 32.23
CA LEU G 246 -0.68 33.87 31.51
C LEU G 246 -1.88 34.81 31.63
N LEU G 247 -2.04 35.41 32.80
CA LEU G 247 -3.13 36.35 33.02
C LEU G 247 -3.01 37.48 31.97
N GLN G 248 -1.79 37.94 31.75
CA GLN G 248 -1.57 38.99 30.77
C GLN G 248 -1.81 38.48 29.34
N LYS G 249 -1.56 37.19 29.14
CA LYS G 249 -1.78 36.57 27.85
C LYS G 249 -3.29 36.47 27.58
N MET G 250 -4.08 36.38 28.66
CA MET G 250 -5.52 36.30 28.50
C MET G 250 -6.04 37.64 27.95
N ALA G 251 -5.56 38.72 28.54
CA ALA G 251 -5.93 40.08 28.13
C ALA G 251 -5.52 40.31 26.66
N ASP G 252 -4.32 39.85 26.30
CA ASP G 252 -3.81 39.99 24.94
C ASP G 252 -4.64 39.21 23.92
N LEU G 253 -5.25 38.12 24.34
CA LEU G 253 -6.05 37.30 23.43
C LEU G 253 -7.35 38.00 23.07
N ARG G 254 -7.91 38.73 24.03
CA ARG G 254 -9.16 39.47 23.80
C ARG G 254 -8.90 40.51 22.73
N GLN G 255 -7.78 41.21 22.87
CA GLN G 255 -7.39 42.25 21.93
C GLN G 255 -7.03 41.67 20.58
N LEU G 256 -6.53 40.43 20.59
CA LEU G 256 -6.18 39.76 19.35
C LEU G 256 -7.47 39.41 18.63
N VAL G 257 -8.47 38.98 19.39
CA VAL G 257 -9.78 38.62 18.84
C VAL G 257 -10.55 39.84 18.33
N THR G 258 -10.59 40.89 19.14
CA THR G 258 -11.28 42.10 18.72
C THR G 258 -10.75 42.44 17.33
N GLU G 259 -9.45 42.70 17.23
CA GLU G 259 -8.81 43.02 15.96
C GLU G 259 -9.18 42.03 14.87
N HIS G 260 -8.89 40.75 15.11
CA HIS G 260 -9.21 39.74 14.12
C HIS G 260 -10.62 39.96 13.59
N ALA G 261 -11.56 40.16 14.51
CA ALA G 261 -12.96 40.38 14.15
C ALA G 261 -13.13 41.65 13.31
N GLN G 262 -12.41 42.69 13.70
CA GLN G 262 -12.47 43.95 13.00
C GLN G 262 -11.98 43.67 11.59
N LEU G 263 -10.81 43.06 11.53
CA LEU G 263 -10.21 42.72 10.25
C LEU G 263 -11.08 41.84 9.37
N VAL G 264 -11.99 41.08 9.97
CA VAL G 264 -12.86 40.19 9.18
C VAL G 264 -14.15 40.82 8.64
N GLN G 265 -14.51 42.00 9.13
CA GLN G 265 -15.69 42.67 8.59
C GLN G 265 -15.14 43.33 7.33
N ILE G 266 -13.94 43.88 7.47
CA ILE G 266 -13.23 44.53 6.37
C ILE G 266 -13.18 43.58 5.17
N ILE G 267 -13.33 42.29 5.44
CA ILE G 267 -13.29 41.29 4.39
C ILE G 267 -14.68 40.72 4.08
N LYS G 268 -15.60 40.76 5.05
CA LYS G 268 -16.95 40.24 4.79
C LYS G 268 -17.62 41.13 3.76
N LYS G 269 -17.08 42.34 3.61
CA LYS G 269 -17.61 43.31 2.65
C LYS G 269 -16.48 44.21 2.18
N THR G 270 -15.81 43.74 1.13
CA THR G 270 -14.66 44.36 0.47
C THR G 270 -14.04 43.14 -0.21
N GLU G 271 -14.79 42.04 -0.15
CA GLU G 271 -14.38 40.77 -0.71
C GLU G 271 -15.58 39.83 -0.56
N SER G 272 -16.56 39.98 -1.45
CA SER G 272 -17.80 39.21 -1.40
C SER G 272 -17.83 37.75 -1.85
N ASP G 273 -16.68 37.16 -2.15
CA ASP G 273 -16.66 35.77 -2.59
C ASP G 273 -16.65 34.77 -1.44
N ALA G 274 -16.09 35.19 -0.31
CA ALA G 274 -15.92 34.35 0.87
C ALA G 274 -17.16 34.06 1.73
N ALA G 275 -17.55 35.05 2.52
CA ALA G 275 -18.71 34.90 3.40
C ALA G 275 -18.45 33.83 4.46
N LEU G 276 -18.72 34.18 5.70
CA LEU G 276 -18.52 33.26 6.82
C LEU G 276 -19.58 32.16 6.82
N HIS G 277 -19.33 31.15 7.64
CA HIS G 277 -20.23 30.04 7.81
C HIS G 277 -21.28 30.60 8.77
N PRO G 278 -22.56 30.25 8.59
CA PRO G 278 -23.56 30.79 9.51
C PRO G 278 -23.15 30.72 10.99
N LEU G 279 -22.69 29.56 11.46
CA LEU G 279 -22.28 29.42 12.86
C LEU G 279 -21.24 30.47 13.23
N LEU G 280 -20.30 30.72 12.34
CA LEU G 280 -19.29 31.73 12.61
C LEU G 280 -19.92 33.10 12.54
N GLN G 281 -20.93 33.24 11.67
CA GLN G 281 -21.60 34.53 11.51
C GLN G 281 -22.35 34.96 12.76
N GLU G 282 -23.07 34.05 13.39
CA GLU G 282 -23.78 34.42 14.62
C GLU G 282 -22.75 34.85 15.65
N ILE G 283 -21.69 34.07 15.81
CA ILE G 283 -20.63 34.37 16.76
C ILE G 283 -20.07 35.78 16.53
N TYR G 284 -19.81 36.13 15.28
CA TYR G 284 -19.30 37.47 14.97
C TYR G 284 -20.45 38.47 15.01
N ARG G 285 -21.66 37.95 14.86
CA ARG G 285 -22.89 38.75 14.90
C ARG G 285 -23.03 39.49 16.22
N ASP G 286 -23.00 40.83 16.16
CA ASP G 286 -23.14 41.65 17.35
C ASP G 286 -22.12 41.27 18.44
N MET G 287 -20.97 40.78 18.04
CA MET G 287 -19.94 40.38 19.00
C MET G 287 -19.41 41.58 19.79
N TYR G 288 -18.22 42.07 19.44
CA TYR G 288 -17.64 43.21 20.16
C TYR G 288 -18.15 44.57 19.69
N GLU H 6 -30.56 37.64 17.82
CA GLU H 6 -29.43 36.74 18.17
C GLU H 6 -29.70 35.33 17.64
N ARG H 7 -30.80 34.74 18.06
CA ARG H 7 -31.19 33.41 17.61
C ARG H 7 -30.20 32.33 18.09
N HIS H 8 -29.06 32.24 17.41
CA HIS H 8 -28.03 31.24 17.74
C HIS H 8 -28.58 29.83 17.69
N LYS H 9 -29.28 29.50 16.61
CA LYS H 9 -29.86 28.18 16.45
C LYS H 9 -28.80 27.09 16.40
N ILE H 10 -27.59 27.45 15.99
CA ILE H 10 -26.51 26.48 15.89
C ILE H 10 -25.85 26.25 17.26
N LEU H 11 -25.59 27.33 18.00
CA LEU H 11 -24.98 27.21 19.32
C LEU H 11 -25.95 26.53 20.29
N HIS H 12 -27.21 26.95 20.27
CA HIS H 12 -28.25 26.39 21.13
C HIS H 12 -28.33 24.87 20.89
N ARG H 13 -28.39 24.49 19.62
CA ARG H 13 -28.49 23.09 19.23
C ARG H 13 -27.28 22.30 19.71
N LEU H 14 -26.08 22.85 19.49
CA LEU H 14 -24.85 22.17 19.91
C LEU H 14 -24.85 21.89 21.40
N LEU H 15 -25.30 22.86 22.18
CA LEU H 15 -25.35 22.74 23.64
C LEU H 15 -26.28 21.63 24.13
N GLN H 16 -27.33 21.34 23.37
CA GLN H 16 -28.28 20.31 23.75
C GLN H 16 -27.61 18.95 23.93
N GLU H 17 -26.88 18.50 22.92
CA GLU H 17 -26.19 17.21 23.00
C GLU H 17 -25.09 17.05 21.93
N GLY H 18 -25.22 17.79 20.84
CA GLY H 18 -24.24 17.72 19.77
C GLY H 18 -24.78 18.25 18.46
N 544 I . 18.60 -32.41 -22.30
CA 544 I . 17.68 -32.01 -21.14
CB 544 I . 16.21 -31.66 -21.61
CG 544 I . 16.18 -30.69 -22.81
CD1 544 I . 16.09 -31.20 -24.14
CD2 544 I . 16.26 -29.29 -22.59
CE1 544 I . 16.06 -30.32 -25.25
CE2 544 I . 16.24 -28.41 -23.66
CZ 544 I . 16.14 -28.91 -25.04
OH 544 I . 16.12 -28.11 -26.20
C1A 544 I . 19.97 -32.56 -22.37
C1F 544 I . 20.50 -32.89 -23.60
C1B 544 I . 20.94 -32.38 -21.18
C1H 544 I . 20.46 -33.40 -26.21
C1I 544 I . 19.70 -33.50 -27.43
C1J 544 I . 20.34 -33.72 -28.68
C1K 544 I . 21.75 -33.85 -28.73
C1L 544 I . 22.53 -33.74 -27.53
C1M 544 I . 21.89 -33.52 -26.29
C1G 544 I . 19.76 -33.15 -24.97
O1G 544 I . 18.52 -33.16 -24.98
O3F 544 I . 19.92 -27.36 -28.92
C3G 544 I . 20.18 -26.03 -28.58
N3H 544 I . 19.04 -25.43 -28.03
C3C 544 I . 18.07 -26.43 -28.06
C3D 544 I . 18.63 -27.62 -28.61
C3E 544 I . 17.96 -28.99 -28.85
C3I 544 I . 21.42 -25.38 -28.77
C3N 544 I . 21.64 -23.98 -28.39
C3M 544 I . 22.89 -23.36 -28.60
C3L 544 I . 23.96 -24.08 -29.17
C3K 544 I . 23.78 -25.44 -29.55
C3J 544 I . 22.52 -26.10 -29.34
C3A 544 I . 16.42 -26.69 -26.10
C3B 544 I . 16.62 -26.18 -27.54
O2 544 I . 17.83 -31.77 -18.80
O1 544 I . 18.02 -33.79 -19.61
C 544 I . 17.86 -32.57 -19.77
Y YT3 J . 42.30 8.70 -17.37
N 544 K . 26.28 6.54 -13.81
CA 544 K . 24.96 6.37 -14.55
CB 544 K . 23.66 6.31 -13.60
CG 544 K . 23.91 5.31 -12.47
CD1 544 K . 24.38 5.78 -11.21
CD2 544 K . 23.70 3.91 -12.65
CE1 544 K . 24.62 4.88 -10.15
CE2 544 K . 23.94 3.01 -11.62
CZ 544 K . 24.42 3.50 -10.32
OH 544 K . 24.72 2.71 -9.19
C1A 544 K . 27.63 6.45 -14.25
C1F 544 K . 28.63 6.64 -13.31
C1B 544 K . 28.07 6.15 -15.68
C1H 544 K . 29.64 7.05 -10.89
C1I 544 K . 29.43 7.34 -9.48
C1J 544 K . 30.54 7.42 -8.59
C1K 544 K . 31.84 7.22 -9.07
C1L 544 K . 32.06 6.94 -10.46
C1M 544 K . 30.99 6.85 -11.36
C1G 544 K . 28.49 6.96 -11.78
O1G 544 K . 27.35 7.17 -11.32
O3F 544 K . 28.79 1.06 -7.72
C3G 544 K . 28.65 -0.24 -8.12
N3H 544 K . 27.29 -0.57 -8.24
C3C 544 K . 26.60 0.61 -7.91
C3D 544 K . 27.56 1.62 -7.58
C3E 544 K . 27.33 3.09 -7.15
C3I 544 K . 29.71 -1.12 -8.33
C3N 544 K . 29.50 -2.50 -8.75
C3M 544 K . 30.61 -3.37 -8.95
C3L 544 K . 31.92 -2.88 -8.76
C3K 544 K . 32.14 -1.53 -8.37
C3J 544 K . 31.04 -0.66 -8.16
C3A 544 K . 24.47 1.28 -9.20
C3B 544 K . 25.04 0.69 -7.92
O2 544 K . 24.29 6.07 -16.80
O1 544 K . 25.22 7.99 -16.25
C 544 K . 24.81 6.85 -15.96
Y YT3 L . -22.72 -8.02 -11.44
N 544 M . -20.06 -6.14 4.74
CA 544 M . -18.91 -5.93 5.73
CB 544 M . -19.43 -6.00 7.20
CG 544 M . -20.57 -5.01 7.48
CD1 544 M . -21.94 -5.48 7.47
CD2 544 M . -20.30 -3.63 7.74
CE1 544 M . -23.01 -4.60 7.72
CE2 544 M . -21.35 -2.75 7.97
CZ 544 M . -22.74 -3.22 7.97
OH 544 M . -23.88 -2.42 8.20
C1A 544 M . -20.10 -6.08 3.35
C1F 544 M . -21.34 -6.28 2.75
C1B 544 M . -18.88 -5.80 2.43
C1H 544 M . -23.97 -6.70 2.73
C1I 544 M . -25.19 -7.04 3.44
C1J 544 M . -26.44 -7.13 2.76
C1K 544 M . -26.50 -6.89 1.36
C1L 544 M . -25.33 -6.55 0.64
C1M 544 M . -24.07 -6.45 1.31
C1G 544 M . -22.73 -6.58 3.45
O1G 544 M . -22.75 -6.76 4.69
O3F 544 M . -26.56 -0.62 4.52
C3G 544 M . -26.15 0.69 4.62
N3H 544 M . -25.60 0.94 5.88
C3C 544 M . -25.67 -0.26 6.55
C3D 544 M . -26.27 -1.24 5.69
C3E 544 M . -26.58 -2.72 5.96
C3I 544 M . -26.31 1.64 3.59
C3N 544 M . -25.87 3.03 3.75
C3M 544 M . -26.05 3.95 2.69
C3L 544 M . -26.65 3.53 1.47
C3K 544 M . -27.07 2.17 1.30
C3J 544 M . -26.90 1.23 2.35
C3A 544 M . -23.77 -0.99 8.09
C3B 544 M . -25.15 -0.41 8.01
O2 544 M . -16.54 -6.00 5.67
O1 544 M . -17.58 -7.82 5.15
C 544 M . -17.59 -6.65 5.50
N 544 N . -10.23 32.62 9.92
CA 544 N . -10.96 32.18 11.19
CB 544 N . -9.96 31.90 12.40
CG 544 N . -8.84 30.90 12.00
CD1 544 N . -7.57 31.43 11.61
CD2 544 N . -9.06 29.48 12.00
CE1 544 N . -6.53 30.56 11.22
CE2 544 N . -8.03 28.61 11.62
CZ 544 N . -6.72 29.15 11.22
OH 544 N . -5.60 28.40 10.82
C1A 544 N . -10.69 32.77 8.58
C1F 544 N . -9.75 33.16 7.64
C1B 544 N . -12.13 32.52 8.12
C1H 544 N . -7.30 33.80 6.81
C1I 544 N . -5.91 34.09 7.13
C1J 544 N . -4.99 34.41 6.11
C1K 544 N . -5.42 34.44 4.76
C1L 544 N . -6.77 34.17 4.42
C1M 544 N . -7.70 33.85 5.42
C1G 544 N . -8.23 33.48 7.88
O1G 544 N . -7.80 33.44 9.03
O3F 544 N . -4.28 27.93 6.23
C3G 544 N . -4.64 26.59 6.07
N3H 544 N . -4.75 25.95 7.32
C3C 544 N . -4.44 26.93 8.24
C3D 544 N . -4.15 28.16 7.56
C3E 544 N . -3.76 29.54 8.13
C3I 544 N . -4.86 25.97 4.84
C3N 544 N . -5.24 24.56 4.75
C3M 544 N . -5.45 23.98 3.48
C3L 544 N . -5.29 24.75 2.30
C3K 544 N . -4.94 26.13 2.38
C3J 544 N . -4.72 26.73 3.64
C3A 544 N . -5.75 27.01 10.45
C3B 544 N . -4.45 26.61 9.75
O2 544 N . -13.19 32.02 11.85
O1 544 N . -12.39 34.02 11.54
C 544 N . -12.27 32.80 11.55
#